data_4AR9
#
_entry.id   4AR9
#
_cell.length_a   76.890
_cell.length_b   102.110
_cell.length_c   104.750
_cell.angle_alpha   90.00
_cell.angle_beta   90.00
_cell.angle_gamma   90.00
#
_symmetry.space_group_name_H-M   'P 21 21 21'
#
loop_
_entity.id
_entity.type
_entity.pdbx_description
1 polymer 'COLLAGENASE COLT'
2 non-polymer 'ZINC ION'
3 non-polymer 'CALCIUM ION'
4 water water
#
_entity_poly.entity_id   1
_entity_poly.type   'polypeptide(L)'
_entity_poly.pdbx_seq_one_letter_code
;GGTDINKLIEEGKKHYLPKTYTFDNGKIIIKAGDKVEESKIQKLYWASKEVKSQFHRIIGNDKPLEVGNADDILTIVIYN
NPEEYKLNKTLYGYSVDNGGIYIEGIGTFFTYERTPQESIYSLEELFRHEFTHYLQGRYLIPGLFNKGDFYKGNNGRITW
FEEGSAEFFAGSTRTSVLPRKSMVGGLSKNPKERFNADKLLHSKYSDGWDFYKYGYAFSDYMYNNNKKLFSDLVSTMKNN
DVKGYEALIEESSKDSKINKDYEYHMENLVNNYDNYTIPLVSDDYMKQYDNKSLHEIKSDIEKAMDVKNSQITKESSQYF
DTYNLKATYTLSSNKGEISNWNYMNNKINEALNKLDNLSWGGYKTVTAYFSNPRLNSNNEVVYDIVFHGLLSHN
;
_entity_poly.pdbx_strand_id   A,B
#
# COMPACT_ATOMS: atom_id res chain seq x y z
N THR A 3 -40.12 -14.26 -35.02
CA THR A 3 -40.10 -15.72 -35.29
C THR A 3 -38.77 -16.34 -34.93
N ASP A 4 -37.66 -15.68 -35.32
CA ASP A 4 -36.34 -16.22 -35.09
C ASP A 4 -35.87 -15.75 -33.71
N ILE A 5 -36.14 -16.57 -32.71
CA ILE A 5 -35.85 -16.18 -31.32
C ILE A 5 -34.37 -16.02 -31.08
N ASN A 6 -33.56 -16.92 -31.64
CA ASN A 6 -32.11 -16.85 -31.47
C ASN A 6 -31.53 -15.57 -32.06
N LYS A 7 -32.09 -15.14 -33.17
CA LYS A 7 -31.70 -13.87 -33.80
C LYS A 7 -32.07 -12.68 -32.91
N LEU A 8 -33.30 -12.72 -32.39
CA LEU A 8 -33.79 -11.68 -31.47
C LEU A 8 -32.91 -11.58 -30.22
N ILE A 9 -32.51 -12.72 -29.65
CA ILE A 9 -31.58 -12.76 -28.53
C ILE A 9 -30.19 -12.18 -28.88
N GLU A 10 -29.66 -12.55 -30.05
CA GLU A 10 -28.38 -12.01 -30.50
C GLU A 10 -28.47 -10.49 -30.64
N GLU A 11 -29.57 -10.01 -31.19
CA GLU A 11 -29.80 -8.56 -31.33
C GLU A 11 -29.83 -7.83 -29.95
N GLY A 12 -30.48 -8.47 -28.99
CA GLY A 12 -30.53 -7.98 -27.61
C GLY A 12 -29.14 -7.91 -26.98
N LYS A 13 -28.32 -8.95 -27.17
CA LYS A 13 -26.94 -8.90 -26.73
C LYS A 13 -26.18 -7.76 -27.39
N LYS A 14 -26.35 -7.58 -28.69
CA LYS A 14 -25.71 -6.49 -29.39
C LYS A 14 -26.14 -5.12 -28.83
N HIS A 15 -27.41 -4.99 -28.48
CA HIS A 15 -27.93 -3.74 -27.92
C HIS A 15 -27.35 -3.41 -26.58
N TYR A 16 -27.36 -4.39 -25.67
CA TYR A 16 -26.90 -4.14 -24.30
C TYR A 16 -25.41 -4.26 -24.11
N LEU A 17 -24.74 -4.99 -25.01
CA LEU A 17 -23.30 -5.19 -24.96
C LEU A 17 -22.68 -4.83 -26.31
N PRO A 18 -22.79 -3.56 -26.72
CA PRO A 18 -22.41 -3.23 -28.11
C PRO A 18 -20.91 -3.20 -28.38
N LYS A 19 -20.10 -3.16 -27.32
CA LYS A 19 -18.65 -3.03 -27.44
C LYS A 19 -17.92 -4.34 -27.21
N THR A 20 -16.90 -4.58 -28.04
CA THR A 20 -16.09 -5.79 -27.94
C THR A 20 -14.59 -5.40 -27.93
N TYR A 21 -13.88 -5.91 -26.93
CA TYR A 21 -12.44 -5.66 -26.78
C TYR A 21 -11.74 -6.99 -26.73
N THR A 22 -10.74 -7.19 -27.58
CA THR A 22 -10.07 -8.48 -27.62
C THR A 22 -8.61 -8.34 -27.23
N PHE A 23 -8.09 -9.36 -26.57
CA PHE A 23 -6.74 -9.37 -26.06
C PHE A 23 -6.10 -10.72 -26.33
N ASP A 24 -4.77 -10.73 -26.35
CA ASP A 24 -3.98 -11.99 -26.39
C ASP A 24 -4.32 -12.84 -27.59
N ASN A 25 -4.27 -12.21 -28.77
CA ASN A 25 -4.52 -12.91 -30.03
C ASN A 25 -5.88 -13.63 -29.97
N GLY A 26 -6.90 -12.95 -29.41
CA GLY A 26 -8.24 -13.48 -29.29
C GLY A 26 -8.54 -14.46 -28.15
N LYS A 27 -7.58 -14.66 -27.24
CA LYS A 27 -7.78 -15.58 -26.14
C LYS A 27 -8.54 -14.94 -24.95
N ILE A 28 -8.75 -13.63 -24.96
CA ILE A 28 -9.62 -12.96 -23.98
C ILE A 28 -10.51 -12.06 -24.80
N ILE A 29 -11.84 -12.24 -24.66
CA ILE A 29 -12.81 -11.40 -25.35
C ILE A 29 -13.67 -10.74 -24.28
N ILE A 30 -13.75 -9.42 -24.34
CA ILE A 30 -14.55 -8.67 -23.37
C ILE A 30 -15.69 -8.00 -24.12
N LYS A 31 -16.93 -8.37 -23.76
CA LYS A 31 -18.14 -7.79 -24.35
C LYS A 31 -18.76 -6.87 -23.32
N ALA A 32 -19.06 -5.62 -23.67
CA ALA A 32 -19.45 -4.67 -22.62
C ALA A 32 -20.45 -3.65 -23.07
N GLY A 33 -21.19 -3.11 -22.11
CA GLY A 33 -22.13 -2.03 -22.36
C GLY A 33 -21.41 -0.76 -22.79
N ASP A 34 -22.15 0.10 -23.48
CA ASP A 34 -21.57 1.32 -24.05
C ASP A 34 -21.07 2.33 -23.02
N LYS A 35 -21.42 2.15 -21.74
CA LYS A 35 -21.00 3.08 -20.70
C LYS A 35 -19.85 2.56 -19.84
N VAL A 36 -19.43 1.32 -20.07
CA VAL A 36 -18.28 0.76 -19.35
C VAL A 36 -17.02 1.37 -19.97
N GLU A 37 -16.20 2.03 -19.16
CA GLU A 37 -15.06 2.77 -19.69
C GLU A 37 -13.96 1.86 -20.25
N GLU A 38 -13.42 2.23 -21.42
CA GLU A 38 -12.27 1.55 -21.96
C GLU A 38 -11.10 1.43 -21.01
N SER A 39 -10.83 2.49 -20.25
CA SER A 39 -9.75 2.45 -19.24
C SER A 39 -10.00 1.35 -18.21
N LYS A 40 -11.25 1.15 -17.82
CA LYS A 40 -11.57 0.10 -16.86
C LYS A 40 -11.29 -1.27 -17.44
N ILE A 41 -11.68 -1.45 -18.70
CA ILE A 41 -11.47 -2.71 -19.40
C ILE A 41 -9.98 -3.08 -19.41
N GLN A 42 -9.13 -2.12 -19.70
CA GLN A 42 -7.71 -2.34 -19.74
C GLN A 42 -7.18 -2.72 -18.36
N LYS A 43 -7.72 -2.09 -17.33
CA LYS A 43 -7.29 -2.39 -15.94
C LYS A 43 -7.60 -3.83 -15.61
N LEU A 44 -8.75 -4.33 -16.07
CA LEU A 44 -9.13 -5.69 -15.78
C LEU A 44 -8.17 -6.65 -16.46
N TYR A 45 -7.74 -6.32 -17.68
CA TYR A 45 -6.77 -7.19 -18.38
C TYR A 45 -5.48 -7.33 -17.57
N TRP A 46 -4.94 -6.20 -17.13
CA TRP A 46 -3.66 -6.20 -16.37
C TRP A 46 -3.83 -6.80 -14.99
N ALA A 47 -4.99 -6.56 -14.35
CA ALA A 47 -5.30 -7.22 -13.08
C ALA A 47 -5.26 -8.74 -13.25
N SER A 48 -5.83 -9.23 -14.34
CA SER A 48 -5.86 -10.65 -14.60
C SER A 48 -4.47 -11.24 -14.66
N LYS A 49 -3.51 -10.49 -15.20
CA LYS A 49 -2.12 -11.00 -15.27
C LYS A 49 -1.45 -11.07 -13.89
N GLU A 50 -1.74 -10.11 -13.02
CA GLU A 50 -1.23 -10.14 -11.64
C GLU A 50 -1.76 -11.37 -10.92
N VAL A 51 -3.07 -11.58 -10.96
CA VAL A 51 -3.70 -12.75 -10.31
C VAL A 51 -3.17 -14.05 -10.90
N LYS A 52 -3.14 -14.12 -12.22
CA LYS A 52 -2.59 -15.32 -12.93
C LYS A 52 -1.21 -15.70 -12.44
N SER A 53 -0.31 -14.72 -12.37
N SER A 53 -0.30 -14.73 -12.38
CA SER A 53 1.07 -15.03 -12.01
CA SER A 53 1.07 -15.04 -12.01
C SER A 53 1.16 -15.52 -10.56
C SER A 53 1.16 -15.53 -10.56
N GLN A 54 0.43 -14.91 -9.64
CA GLN A 54 0.49 -15.40 -8.23
C GLN A 54 -0.10 -16.80 -8.12
N PHE A 55 -1.18 -17.01 -8.85
CA PHE A 55 -1.86 -18.30 -8.87
C PHE A 55 -0.92 -19.42 -9.36
N HIS A 56 -0.26 -19.20 -10.51
CA HIS A 56 0.69 -20.21 -10.98
C HIS A 56 1.80 -20.41 -10.01
N ARG A 57 2.32 -19.33 -9.39
CA ARG A 57 3.42 -19.52 -8.43
C ARG A 57 2.98 -20.47 -7.33
N ILE A 58 1.80 -20.22 -6.76
CA ILE A 58 1.37 -21.00 -5.62
C ILE A 58 0.92 -22.41 -6.01
N ILE A 59 0.06 -22.52 -7.03
CA ILE A 59 -0.54 -23.80 -7.45
C ILE A 59 0.47 -24.70 -8.13
N GLY A 60 1.51 -24.10 -8.75
CA GLY A 60 2.58 -24.90 -9.33
C GLY A 60 2.35 -25.51 -10.68
N ASN A 61 1.26 -25.12 -11.33
CA ASN A 61 0.92 -25.63 -12.63
C ASN A 61 0.40 -24.52 -13.51
N ASP A 62 0.91 -24.46 -14.74
CA ASP A 62 0.34 -23.57 -15.78
C ASP A 62 -0.10 -24.31 -17.05
N LYS A 63 -0.31 -25.61 -16.94
CA LYS A 63 -0.75 -26.41 -18.06
C LYS A 63 -2.22 -26.79 -17.84
N PRO A 64 -3.11 -26.46 -18.78
CA PRO A 64 -4.50 -26.81 -18.51
C PRO A 64 -4.64 -28.29 -18.22
N LEU A 65 -5.49 -28.63 -17.27
CA LEU A 65 -5.68 -30.04 -16.89
C LEU A 65 -6.32 -30.87 -18.03
N GLU A 66 -7.15 -30.26 -18.85
CA GLU A 66 -7.79 -30.89 -19.99
C GLU A 66 -7.50 -30.13 -21.25
N VAL A 67 -7.49 -30.85 -22.37
CA VAL A 67 -7.24 -30.25 -23.66
C VAL A 67 -8.59 -30.02 -24.36
N GLY A 68 -8.79 -28.85 -24.94
CA GLY A 68 -9.96 -28.58 -25.79
C GLY A 68 -11.17 -28.04 -25.04
N ASN A 69 -11.02 -27.68 -23.77
CA ASN A 69 -12.16 -27.05 -23.02
C ASN A 69 -12.50 -25.64 -23.52
N ALA A 70 -13.71 -25.21 -23.22
CA ALA A 70 -14.23 -23.88 -23.62
C ALA A 70 -13.36 -22.78 -23.07
N ASP A 71 -12.75 -22.99 -21.90
CA ASP A 71 -11.92 -21.95 -21.28
C ASP A 71 -10.57 -21.69 -21.92
N ASP A 72 -10.28 -22.37 -23.03
CA ASP A 72 -9.19 -21.99 -23.92
C ASP A 72 -9.39 -20.54 -24.36
N ILE A 73 -10.64 -20.09 -24.42
CA ILE A 73 -10.96 -18.65 -24.61
C ILE A 73 -11.72 -18.14 -23.39
N LEU A 74 -11.24 -17.07 -22.76
CA LEU A 74 -11.96 -16.47 -21.62
C LEU A 74 -12.83 -15.36 -22.18
N THR A 75 -14.14 -15.45 -21.96
CA THR A 75 -15.05 -14.37 -22.36
C THR A 75 -15.50 -13.66 -21.08
N ILE A 76 -15.46 -12.34 -21.10
CA ILE A 76 -15.90 -11.54 -19.98
C ILE A 76 -17.01 -10.63 -20.50
N VAL A 77 -18.14 -10.67 -19.81
CA VAL A 77 -19.32 -9.95 -20.23
C VAL A 77 -19.67 -8.96 -19.12
N ILE A 78 -19.68 -7.66 -19.46
CA ILE A 78 -19.89 -6.62 -18.49
C ILE A 78 -21.03 -5.69 -18.88
N TYR A 79 -22.16 -5.83 -18.21
CA TYR A 79 -23.31 -4.96 -18.41
C TYR A 79 -23.05 -3.60 -17.79
N ASN A 80 -23.81 -2.59 -18.22
CA ASN A 80 -23.55 -1.22 -17.80
C ASN A 80 -23.74 -1.02 -16.32
N ASN A 81 -24.70 -1.73 -15.75
CA ASN A 81 -25.15 -1.46 -14.40
C ASN A 81 -25.91 -2.65 -13.85
N PRO A 82 -26.24 -2.65 -12.55
CA PRO A 82 -26.94 -3.80 -11.95
C PRO A 82 -28.34 -4.08 -12.53
N GLU A 83 -29.02 -3.05 -12.99
CA GLU A 83 -30.36 -3.22 -13.56
C GLU A 83 -30.26 -3.96 -14.92
N GLU A 84 -29.36 -3.53 -15.80
CA GLU A 84 -29.20 -4.20 -17.10
C GLU A 84 -28.65 -5.62 -16.97
N TYR A 85 -27.87 -5.86 -15.92
CA TYR A 85 -27.35 -7.20 -15.62
C TYR A 85 -28.46 -8.23 -15.50
N LYS A 86 -29.60 -7.83 -14.95
CA LYS A 86 -30.73 -8.76 -14.80
C LYS A 86 -31.14 -9.38 -16.13
N LEU A 87 -30.89 -8.68 -17.25
CA LEU A 87 -31.19 -9.24 -18.56
C LEU A 87 -30.36 -10.47 -18.92
N ASN A 88 -29.29 -10.71 -18.18
CA ASN A 88 -28.44 -11.85 -18.46
C ASN A 88 -29.18 -13.18 -18.32
N LYS A 89 -30.19 -13.20 -17.44
CA LYS A 89 -30.99 -14.41 -17.23
C LYS A 89 -31.69 -14.80 -18.52
N THR A 90 -32.21 -13.82 -19.23
CA THR A 90 -32.85 -14.08 -20.50
C THR A 90 -31.85 -14.17 -21.65
N LEU A 91 -30.88 -13.28 -21.71
CA LEU A 91 -30.00 -13.27 -22.87
C LEU A 91 -29.09 -14.49 -22.96
N TYR A 92 -28.57 -14.96 -21.82
CA TYR A 92 -27.56 -16.03 -21.77
C TYR A 92 -28.02 -17.25 -20.96
N GLY A 93 -28.92 -17.03 -20.02
CA GLY A 93 -29.61 -18.12 -19.30
C GLY A 93 -29.13 -18.38 -17.90
N TYR A 94 -28.32 -17.49 -17.33
CA TYR A 94 -27.70 -17.77 -16.04
C TYR A 94 -28.28 -16.90 -14.94
N SER A 95 -28.19 -17.41 -13.72
CA SER A 95 -28.71 -16.73 -12.55
C SER A 95 -28.08 -15.34 -12.39
N VAL A 96 -28.94 -14.35 -12.13
CA VAL A 96 -28.50 -12.99 -11.91
C VAL A 96 -28.61 -12.60 -10.44
N ASP A 97 -28.82 -13.59 -9.56
CA ASP A 97 -28.92 -13.34 -8.13
C ASP A 97 -27.55 -13.33 -7.45
N ASN A 98 -26.69 -12.41 -7.89
CA ASN A 98 -25.28 -12.35 -7.50
C ASN A 98 -24.69 -11.04 -8.06
N GLY A 99 -23.42 -10.77 -7.78
CA GLY A 99 -22.74 -9.60 -8.35
C GLY A 99 -21.93 -9.96 -9.60
N GLY A 100 -22.13 -11.19 -10.06
CA GLY A 100 -21.42 -11.77 -11.17
C GLY A 100 -21.31 -13.26 -10.99
N ILE A 101 -21.00 -13.96 -12.07
CA ILE A 101 -20.91 -15.42 -12.01
C ILE A 101 -20.02 -15.93 -13.15
N TYR A 102 -19.18 -16.90 -12.82
CA TYR A 102 -18.36 -17.60 -13.83
C TYR A 102 -18.92 -18.99 -14.15
N ILE A 103 -19.06 -19.24 -15.43
CA ILE A 103 -19.55 -20.53 -15.94
C ILE A 103 -18.44 -21.24 -16.72
N GLU A 104 -17.87 -22.25 -16.10
CA GLU A 104 -16.72 -22.94 -16.64
C GLU A 104 -16.99 -23.57 -18.01
N GLY A 105 -18.16 -24.16 -18.18
CA GLY A 105 -18.53 -24.89 -19.41
C GLY A 105 -18.53 -24.04 -20.67
N ILE A 106 -18.65 -22.73 -20.52
CA ILE A 106 -18.51 -21.81 -21.66
C ILE A 106 -17.35 -20.83 -21.51
N GLY A 107 -16.51 -21.04 -20.49
CA GLY A 107 -15.43 -20.13 -20.19
C GLY A 107 -15.80 -18.67 -20.10
N THR A 108 -16.96 -18.38 -19.52
CA THR A 108 -17.50 -17.00 -19.54
C THR A 108 -17.80 -16.54 -18.12
N PHE A 109 -17.31 -15.33 -17.83
CA PHE A 109 -17.63 -14.62 -16.59
C PHE A 109 -18.59 -13.51 -16.96
N PHE A 110 -19.69 -13.40 -16.21
CA PHE A 110 -20.69 -12.36 -16.43
C PHE A 110 -20.73 -11.46 -15.24
N THR A 111 -20.75 -10.17 -15.48
CA THR A 111 -20.87 -9.21 -14.41
C THR A 111 -21.37 -7.87 -14.90
N TYR A 112 -21.14 -6.83 -14.10
CA TYR A 112 -21.59 -5.49 -14.44
C TYR A 112 -20.74 -4.42 -13.76
N GLU A 113 -20.63 -3.26 -14.41
CA GLU A 113 -20.01 -2.10 -13.79
C GLU A 113 -20.99 -1.57 -12.71
N ARG A 114 -20.45 -0.96 -11.65
CA ARG A 114 -21.27 -0.52 -10.52
C ARG A 114 -20.62 0.66 -9.81
N THR A 115 -21.42 1.42 -9.08
CA THR A 115 -20.92 2.49 -8.23
C THR A 115 -20.56 1.98 -6.84
N PRO A 116 -19.85 2.80 -6.04
CA PRO A 116 -19.61 2.37 -4.67
C PRO A 116 -20.87 2.25 -3.83
N GLN A 117 -21.97 2.87 -4.28
CA GLN A 117 -23.25 2.78 -3.55
C GLN A 117 -24.03 1.53 -3.92
N GLU A 118 -23.62 0.85 -4.98
CA GLU A 118 -24.30 -0.38 -5.42
C GLU A 118 -23.61 -1.64 -4.91
N SER A 119 -22.32 -1.54 -4.60
CA SER A 119 -21.60 -2.66 -4.03
C SER A 119 -20.37 -2.19 -3.27
N ILE A 120 -20.01 -2.94 -2.22
CA ILE A 120 -18.73 -2.79 -1.53
C ILE A 120 -17.53 -3.07 -2.46
N TYR A 121 -17.79 -3.87 -3.47
CA TYR A 121 -16.74 -4.36 -4.32
C TYR A 121 -16.75 -3.61 -5.62
N SER A 122 -15.63 -2.97 -5.94
CA SER A 122 -15.43 -2.39 -7.26
C SER A 122 -15.40 -3.52 -8.29
N LEU A 123 -15.58 -3.15 -9.54
CA LEU A 123 -15.59 -4.11 -10.59
C LEU A 123 -14.25 -4.85 -10.67
N GLU A 124 -13.15 -4.12 -10.51
CA GLU A 124 -11.82 -4.76 -10.57
C GLU A 124 -11.66 -5.78 -9.42
N GLU A 125 -12.13 -5.43 -8.22
CA GLU A 125 -12.05 -6.32 -7.06
C GLU A 125 -12.88 -7.57 -7.26
N LEU A 126 -14.10 -7.41 -7.75
CA LEU A 126 -14.94 -8.55 -7.98
C LEU A 126 -14.36 -9.40 -9.11
N PHE A 127 -13.94 -8.75 -10.18
CA PHE A 127 -13.32 -9.46 -11.27
C PHE A 127 -12.11 -10.26 -10.79
N ARG A 128 -11.26 -9.66 -9.97
CA ARG A 128 -10.10 -10.40 -9.48
C ARG A 128 -10.49 -11.67 -8.71
N HIS A 129 -11.54 -11.59 -7.90
CA HIS A 129 -12.11 -12.81 -7.23
C HIS A 129 -12.56 -13.78 -8.26
N GLU A 130 -13.44 -13.36 -9.16
CA GLU A 130 -14.10 -14.33 -10.03
C GLU A 130 -13.17 -14.90 -11.08
N PHE A 131 -12.20 -14.10 -11.50
CA PHE A 131 -11.15 -14.62 -12.38
C PHE A 131 -10.45 -15.85 -11.78
N THR A 132 -10.31 -15.91 -10.46
CA THR A 132 -9.68 -17.05 -9.86
C THR A 132 -10.50 -18.32 -10.05
N HIS A 133 -11.82 -18.20 -10.14
CA HIS A 133 -12.61 -19.37 -10.52
C HIS A 133 -12.27 -19.88 -11.86
N TYR A 134 -12.00 -18.98 -12.81
CA TYR A 134 -11.53 -19.40 -14.11
C TYR A 134 -10.21 -20.15 -14.00
N LEU A 135 -9.26 -19.59 -13.25
CA LEU A 135 -7.99 -20.21 -13.06
C LEU A 135 -8.08 -21.57 -12.38
N GLN A 136 -8.91 -21.66 -11.35
CA GLN A 136 -9.11 -22.92 -10.65
C GLN A 136 -9.71 -23.96 -11.57
N GLY A 137 -10.68 -23.54 -12.37
CA GLY A 137 -11.32 -24.48 -13.29
C GLY A 137 -10.33 -25.01 -14.31
N ARG A 138 -9.46 -24.14 -14.80
CA ARG A 138 -8.57 -24.52 -15.89
C ARG A 138 -7.34 -25.32 -15.45
N TYR A 139 -6.73 -24.90 -14.35
CA TYR A 139 -5.41 -25.38 -13.96
C TYR A 139 -5.37 -26.20 -12.68
N LEU A 140 -6.46 -26.22 -11.90
CA LEU A 140 -6.41 -26.83 -10.56
C LEU A 140 -7.40 -27.98 -10.35
N ILE A 141 -8.65 -27.85 -10.84
CA ILE A 141 -9.70 -28.82 -10.53
C ILE A 141 -10.09 -29.57 -11.79
N PRO A 142 -9.82 -30.85 -11.84
CA PRO A 142 -10.21 -31.63 -13.03
C PRO A 142 -11.73 -31.67 -13.28
N GLY A 143 -12.13 -31.80 -14.55
CA GLY A 143 -13.56 -31.94 -14.92
C GLY A 143 -14.20 -30.57 -14.84
N LEU A 144 -15.50 -30.48 -14.97
CA LEU A 144 -16.18 -29.21 -14.92
C LEU A 144 -16.81 -29.03 -13.55
N PHE A 145 -17.02 -27.78 -13.20
CA PHE A 145 -17.69 -27.41 -11.94
C PHE A 145 -19.00 -28.19 -11.75
N ASN A 146 -19.14 -28.79 -10.56
CA ASN A 146 -20.29 -29.60 -10.16
C ASN A 146 -20.42 -30.92 -10.94
N LYS A 147 -19.41 -31.25 -11.75
CA LYS A 147 -19.41 -32.48 -12.54
C LYS A 147 -18.18 -33.37 -12.36
N GLY A 148 -17.02 -32.79 -12.07
CA GLY A 148 -15.78 -33.57 -11.94
C GLY A 148 -15.80 -34.38 -10.66
N ASP A 149 -14.84 -35.28 -10.52
CA ASP A 149 -14.84 -36.20 -9.36
C ASP A 149 -14.85 -35.46 -8.03
N PHE A 150 -14.23 -34.27 -7.95
CA PHE A 150 -14.27 -33.51 -6.69
C PHE A 150 -15.67 -33.07 -6.23
N TYR A 151 -16.66 -33.13 -7.13
CA TYR A 151 -18.04 -32.72 -6.84
C TYR A 151 -18.98 -33.89 -6.67
N LYS A 152 -18.51 -35.09 -6.98
CA LYS A 152 -19.33 -36.30 -6.83
C LYS A 152 -19.28 -36.80 -5.39
N GLY A 153 -20.43 -37.32 -4.95
CA GLY A 153 -20.58 -37.92 -3.64
C GLY A 153 -20.85 -36.86 -2.59
N ASN A 154 -19.78 -36.22 -2.14
CA ASN A 154 -19.91 -35.04 -1.32
C ASN A 154 -19.61 -33.81 -2.17
N ASN A 155 -20.68 -33.20 -2.64
CA ASN A 155 -20.65 -32.07 -3.57
C ASN A 155 -19.99 -30.81 -3.00
N GLY A 156 -19.94 -30.69 -1.68
CA GLY A 156 -19.33 -29.55 -1.06
C GLY A 156 -17.97 -29.83 -0.43
N ARG A 157 -17.29 -30.92 -0.79
CA ARG A 157 -16.06 -31.22 -0.08
C ARG A 157 -14.97 -30.17 -0.32
N ILE A 158 -14.99 -29.47 -1.46
CA ILE A 158 -13.93 -28.50 -1.81
C ILE A 158 -14.38 -27.05 -1.66
N THR A 159 -15.64 -26.85 -1.27
CA THR A 159 -16.28 -25.53 -1.31
C THR A 159 -15.50 -24.52 -0.49
N TRP A 160 -15.07 -24.87 0.73
CA TRP A 160 -14.38 -23.85 1.58
C TRP A 160 -13.13 -23.34 0.89
N PHE A 161 -12.44 -24.22 0.16
CA PHE A 161 -11.19 -23.86 -0.50
C PHE A 161 -11.43 -23.15 -1.82
N GLU A 162 -12.35 -23.67 -2.62
CA GLU A 162 -12.63 -23.05 -3.91
C GLU A 162 -13.02 -21.58 -3.71
N GLU A 163 -13.92 -21.32 -2.78
CA GLU A 163 -14.32 -19.94 -2.50
C GLU A 163 -13.30 -19.15 -1.69
N GLY A 164 -12.71 -19.75 -0.66
CA GLY A 164 -11.74 -19.05 0.16
C GLY A 164 -10.50 -18.65 -0.63
N SER A 165 -9.99 -19.54 -1.47
CA SER A 165 -8.81 -19.22 -2.27
C SER A 165 -9.13 -18.19 -3.34
N ALA A 166 -10.34 -18.21 -3.90
CA ALA A 166 -10.74 -17.15 -4.84
C ALA A 166 -10.73 -15.79 -4.18
N GLU A 167 -11.23 -15.72 -2.94
CA GLU A 167 -11.23 -14.46 -2.21
C GLU A 167 -9.79 -14.00 -1.96
N PHE A 168 -8.95 -14.93 -1.53
CA PHE A 168 -7.52 -14.64 -1.27
C PHE A 168 -6.75 -14.15 -2.50
N PHE A 169 -6.87 -14.86 -3.62
CA PHE A 169 -6.08 -14.50 -4.85
C PHE A 169 -6.51 -13.19 -5.45
N ALA A 170 -7.69 -12.68 -5.05
CA ALA A 170 -8.14 -11.36 -5.47
C ALA A 170 -7.17 -10.25 -5.05
N GLY A 171 -6.38 -10.48 -4.02
CA GLY A 171 -5.38 -9.53 -3.52
C GLY A 171 -4.00 -9.60 -4.17
N SER A 172 -3.88 -10.29 -5.30
CA SER A 172 -2.60 -10.43 -5.97
C SER A 172 -2.02 -9.12 -6.46
N THR A 173 -0.70 -8.99 -6.30
CA THR A 173 0.04 -7.90 -6.90
C THR A 173 1.09 -8.46 -7.79
N ARG A 174 2.04 -7.64 -8.23
CA ARG A 174 3.13 -8.16 -9.08
C ARG A 174 4.06 -9.05 -8.28
N THR A 175 4.06 -8.92 -6.95
CA THR A 175 5.07 -9.64 -6.17
C THR A 175 4.54 -10.51 -5.06
N SER A 176 3.29 -10.32 -4.66
CA SER A 176 2.75 -11.08 -3.57
C SER A 176 1.22 -11.18 -3.67
N VAL A 177 0.61 -11.71 -2.62
CA VAL A 177 -0.85 -11.65 -2.44
C VAL A 177 -1.08 -10.97 -1.11
N LEU A 178 -1.74 -9.83 -1.14
CA LEU A 178 -1.97 -8.98 0.04
C LEU A 178 -3.42 -9.08 0.54
N PRO A 179 -3.62 -8.84 1.84
CA PRO A 179 -4.97 -9.03 2.36
C PRO A 179 -5.91 -7.94 1.90
N ARG A 180 -7.21 -8.24 1.97
CA ARG A 180 -8.29 -7.35 1.50
C ARG A 180 -9.14 -6.80 2.64
N LYS A 181 -9.28 -5.50 2.74
CA LYS A 181 -10.10 -4.90 3.78
C LYS A 181 -11.53 -5.46 3.79
N SER A 182 -12.11 -5.62 2.60
CA SER A 182 -13.49 -6.08 2.53
C SER A 182 -13.66 -7.47 3.15
N MET A 183 -12.62 -8.29 3.10
CA MET A 183 -12.69 -9.59 3.71
C MET A 183 -12.32 -9.55 5.19
N VAL A 184 -11.26 -8.83 5.56
CA VAL A 184 -10.80 -8.80 6.94
C VAL A 184 -11.83 -8.12 7.85
N GLY A 185 -12.49 -7.10 7.31
CA GLY A 185 -13.47 -6.33 8.07
C GLY A 185 -14.67 -7.14 8.52
N GLY A 186 -14.95 -8.25 7.85
CA GLY A 186 -16.07 -9.11 8.20
C GLY A 186 -15.74 -10.14 9.28
N LEU A 187 -14.46 -10.39 9.49
CA LEU A 187 -14.07 -11.36 10.50
C LEU A 187 -14.54 -10.77 11.84
N SER A 188 -15.11 -11.60 12.70
CA SER A 188 -15.60 -11.14 14.00
C SER A 188 -14.49 -10.53 14.86
N LYS A 189 -14.83 -9.47 15.58
CA LYS A 189 -13.92 -8.86 16.55
C LYS A 189 -13.76 -9.74 17.79
N ASN A 190 -14.74 -10.62 18.00
CA ASN A 190 -14.72 -11.55 19.11
C ASN A 190 -14.10 -12.88 18.69
N PRO A 191 -12.93 -13.23 19.23
CA PRO A 191 -12.29 -14.50 18.82
C PRO A 191 -13.18 -15.77 18.96
N LYS A 192 -14.10 -15.74 19.93
CA LYS A 192 -14.98 -16.87 20.21
C LYS A 192 -16.01 -17.09 19.09
N GLU A 193 -16.25 -16.07 18.28
CA GLU A 193 -17.20 -16.21 17.17
C GLU A 193 -16.56 -16.62 15.86
N ARG A 194 -15.23 -16.61 15.81
CA ARG A 194 -14.50 -16.97 14.59
C ARG A 194 -14.56 -18.48 14.35
N PHE A 195 -14.62 -18.90 13.10
CA PHE A 195 -14.59 -20.33 12.79
C PHE A 195 -13.29 -20.97 13.29
N ASN A 196 -13.37 -22.23 13.72
CA ASN A 196 -12.14 -23.01 13.84
C ASN A 196 -11.89 -23.79 12.54
N ALA A 197 -10.75 -24.47 12.44
CA ALA A 197 -10.38 -25.16 11.19
C ALA A 197 -11.40 -26.25 10.80
N ASP A 198 -11.84 -27.03 11.77
CA ASP A 198 -12.80 -28.13 11.52
C ASP A 198 -14.08 -27.55 10.94
N LYS A 199 -14.57 -26.48 11.52
CA LYS A 199 -15.82 -25.88 11.08
C LYS A 199 -15.66 -25.37 9.65
N LEU A 200 -14.58 -24.65 9.39
CA LEU A 200 -14.33 -24.14 8.04
C LEU A 200 -14.20 -25.27 7.03
N LEU A 201 -13.37 -26.26 7.35
CA LEU A 201 -12.98 -27.28 6.33
C LEU A 201 -14.13 -28.22 5.92
N HIS A 202 -15.27 -28.13 6.63
CA HIS A 202 -16.47 -28.88 6.30
C HIS A 202 -17.64 -28.01 5.92
N SER A 203 -17.37 -26.73 5.64
CA SER A 203 -18.44 -25.80 5.29
C SER A 203 -19.01 -26.11 3.90
N LYS A 204 -20.28 -25.78 3.72
CA LYS A 204 -20.97 -25.93 2.44
C LYS A 204 -21.82 -24.72 2.15
N TYR A 205 -22.22 -24.57 0.91
CA TYR A 205 -23.06 -23.44 0.53
C TYR A 205 -24.32 -23.29 1.38
N SER A 206 -24.91 -24.40 1.82
CA SER A 206 -26.16 -24.38 2.62
C SER A 206 -25.96 -23.91 4.07
N ASP A 207 -24.71 -23.67 4.46
CA ASP A 207 -24.38 -23.19 5.80
C ASP A 207 -24.54 -21.69 5.94
N GLY A 208 -24.76 -20.99 4.83
CA GLY A 208 -24.81 -19.54 4.82
C GLY A 208 -23.59 -18.98 4.13
N TRP A 209 -23.15 -17.79 4.52
CA TRP A 209 -22.08 -17.13 3.79
C TRP A 209 -20.88 -16.75 4.60
N ASP A 210 -20.90 -17.01 5.91
CA ASP A 210 -19.73 -16.69 6.74
C ASP A 210 -18.46 -17.44 6.32
N PHE A 211 -18.61 -18.65 5.79
CA PHE A 211 -17.43 -19.42 5.43
C PHE A 211 -16.55 -18.77 4.38
N TYR A 212 -17.08 -17.84 3.57
CA TYR A 212 -16.25 -17.20 2.57
C TYR A 212 -15.13 -16.41 3.26
N LYS A 213 -15.46 -15.65 4.30
CA LYS A 213 -14.45 -14.84 4.95
CA LYS A 213 -14.45 -14.83 4.94
C LYS A 213 -13.45 -15.67 5.76
N TYR A 214 -13.93 -16.73 6.38
CA TYR A 214 -13.04 -17.58 7.13
C TYR A 214 -12.19 -18.45 6.19
N GLY A 215 -12.73 -18.81 5.04
CA GLY A 215 -11.95 -19.54 4.00
C GLY A 215 -10.87 -18.62 3.41
N TYR A 216 -11.23 -17.36 3.21
CA TYR A 216 -10.26 -16.35 2.82
C TYR A 216 -9.13 -16.26 3.84
N ALA A 217 -9.48 -16.11 5.11
CA ALA A 217 -8.49 -16.00 6.15
C ALA A 217 -7.60 -17.26 6.27
N PHE A 218 -8.18 -18.44 6.12
CA PHE A 218 -7.41 -19.68 6.21
C PHE A 218 -6.43 -19.80 5.03
N SER A 219 -6.85 -19.32 3.87
CA SER A 219 -5.97 -19.26 2.71
C SER A 219 -4.80 -18.29 2.94
N ASP A 220 -5.06 -17.13 3.52
CA ASP A 220 -3.97 -16.22 3.84
C ASP A 220 -3.04 -16.80 4.89
N TYR A 221 -3.64 -17.48 5.88
CA TYR A 221 -2.85 -18.20 6.90
C TYR A 221 -1.91 -19.22 6.23
N MET A 222 -2.43 -20.02 5.30
CA MET A 222 -1.59 -21.02 4.61
C MET A 222 -0.45 -20.33 3.84
N TYR A 223 -0.80 -19.32 3.06
CA TYR A 223 0.22 -18.63 2.27
C TYR A 223 1.36 -18.07 3.12
N ASN A 224 1.02 -17.46 4.25
CA ASN A 224 2.05 -16.84 5.09
C ASN A 224 2.70 -17.76 6.10
N ASN A 225 2.00 -18.77 6.59
CA ASN A 225 2.47 -19.63 7.69
C ASN A 225 2.30 -21.14 7.56
N ASN A 226 1.71 -21.62 6.50
CA ASN A 226 1.62 -23.05 6.29
C ASN A 226 1.62 -23.37 4.79
N LYS A 227 2.72 -22.99 4.15
CA LYS A 227 2.85 -23.18 2.73
C LYS A 227 2.77 -24.64 2.37
N LYS A 228 3.19 -25.50 3.28
CA LYS A 228 3.19 -26.93 3.01
C LYS A 228 1.77 -27.48 2.86
N LEU A 229 0.84 -27.03 3.70
CA LEU A 229 -0.54 -27.46 3.58
C LEU A 229 -1.15 -26.95 2.28
N PHE A 230 -0.87 -25.71 1.92
CA PHE A 230 -1.38 -25.10 0.66
C PHE A 230 -0.88 -25.96 -0.50
N SER A 231 0.42 -26.24 -0.50
CA SER A 231 1.05 -27.10 -1.50
C SER A 231 0.44 -28.51 -1.55
N ASP A 232 0.26 -29.11 -0.39
CA ASP A 232 -0.30 -30.44 -0.31
C ASP A 232 -1.74 -30.53 -0.79
N LEU A 233 -2.54 -29.53 -0.46
CA LEU A 233 -3.92 -29.49 -0.94
C LEU A 233 -3.99 -29.39 -2.46
N VAL A 234 -3.21 -28.48 -3.03
CA VAL A 234 -3.32 -28.21 -4.45
C VAL A 234 -2.80 -29.42 -5.21
N SER A 235 -1.87 -30.12 -4.60
CA SER A 235 -1.34 -31.34 -5.19
C SER A 235 -2.45 -32.40 -5.33
N THR A 236 -3.26 -32.57 -4.31
CA THR A 236 -4.33 -33.58 -4.37
C THR A 236 -5.37 -33.23 -5.43
N MET A 237 -5.59 -31.93 -5.60
CA MET A 237 -6.58 -31.44 -6.53
C MET A 237 -6.14 -31.68 -7.95
N LYS A 238 -4.93 -31.23 -8.26
CA LYS A 238 -4.38 -31.42 -9.61
C LYS A 238 -4.40 -32.88 -10.05
N ASN A 239 -4.19 -33.77 -9.09
CA ASN A 239 -4.13 -35.21 -9.35
C ASN A 239 -5.48 -35.90 -9.36
N ASN A 240 -6.57 -35.18 -9.10
CA ASN A 240 -7.91 -35.75 -9.00
C ASN A 240 -7.96 -36.76 -7.88
N ASP A 241 -7.15 -36.54 -6.85
CA ASP A 241 -6.98 -37.49 -5.73
C ASP A 241 -7.93 -37.11 -4.59
N VAL A 242 -9.20 -37.48 -4.75
CA VAL A 242 -10.27 -37.12 -3.81
C VAL A 242 -9.98 -37.76 -2.44
N LYS A 243 -9.54 -39.01 -2.41
CA LYS A 243 -9.27 -39.68 -1.12
C LYS A 243 -8.11 -39.03 -0.41
N GLY A 244 -7.07 -38.67 -1.14
CA GLY A 244 -5.93 -37.95 -0.56
C GLY A 244 -6.34 -36.60 0.00
N TYR A 245 -7.15 -35.87 -0.76
CA TYR A 245 -7.67 -34.59 -0.28
C TYR A 245 -8.46 -34.79 1.02
N GLU A 246 -9.39 -35.74 1.00
CA GLU A 246 -10.24 -36.01 2.18
C GLU A 246 -9.43 -36.37 3.42
N ALA A 247 -8.41 -37.20 3.21
CA ALA A 247 -7.53 -37.60 4.29
C ALA A 247 -6.81 -36.38 4.87
N LEU A 248 -6.34 -35.49 3.98
CA LEU A 248 -5.63 -34.28 4.39
C LEU A 248 -6.57 -33.33 5.18
N ILE A 249 -7.82 -33.22 4.73
CA ILE A 249 -8.83 -32.39 5.46
C ILE A 249 -9.10 -32.96 6.85
N GLU A 250 -9.24 -34.28 6.95
CA GLU A 250 -9.50 -34.87 8.27
C GLU A 250 -8.31 -34.67 9.22
N GLU A 251 -7.10 -34.92 8.73
CA GLU A 251 -5.87 -34.68 9.52
C GLU A 251 -5.79 -33.24 9.97
N SER A 252 -6.06 -32.33 9.06
CA SER A 252 -5.88 -30.91 9.36
C SER A 252 -6.97 -30.38 10.29
N SER A 253 -8.16 -30.98 10.23
CA SER A 253 -9.30 -30.59 11.07
C SER A 253 -9.09 -30.90 12.54
N LYS A 254 -8.26 -31.89 12.83
CA LYS A 254 -8.07 -32.36 14.19
C LYS A 254 -6.73 -31.91 14.77
N ASP A 255 -6.01 -31.06 14.03
CA ASP A 255 -4.67 -30.63 14.39
C ASP A 255 -4.74 -29.34 15.22
N SER A 256 -4.43 -29.42 16.50
CA SER A 256 -4.54 -28.27 17.38
C SER A 256 -3.54 -27.14 17.04
N LYS A 257 -2.39 -27.49 16.47
CA LYS A 257 -1.42 -26.46 16.08
C LYS A 257 -1.95 -25.67 14.90
N ILE A 258 -2.53 -26.34 13.91
CA ILE A 258 -3.18 -25.61 12.77
C ILE A 258 -4.25 -24.68 13.33
N ASN A 259 -5.10 -25.16 14.24
CA ASN A 259 -6.15 -24.27 14.74
CA ASN A 259 -6.16 -24.30 14.77
C ASN A 259 -5.59 -23.09 15.51
N LYS A 260 -4.61 -23.33 16.38
CA LYS A 260 -3.97 -22.23 17.11
C LYS A 260 -3.34 -21.19 16.17
N ASP A 261 -2.64 -21.67 15.14
CA ASP A 261 -1.94 -20.77 14.21
C ASP A 261 -2.92 -20.01 13.33
N TYR A 262 -3.99 -20.70 12.90
CA TYR A 262 -5.07 -20.03 12.16
C TYR A 262 -5.73 -18.91 12.97
N GLU A 263 -6.05 -19.21 14.21
CA GLU A 263 -6.63 -18.24 15.14
C GLU A 263 -5.71 -17.06 15.35
N TYR A 264 -4.43 -17.34 15.60
CA TYR A 264 -3.44 -16.29 15.72
C TYR A 264 -3.40 -15.45 14.44
N HIS A 265 -3.49 -16.11 13.29
CA HIS A 265 -3.40 -15.36 12.04
C HIS A 265 -4.58 -14.46 11.87
N MET A 266 -5.77 -14.93 12.24
CA MET A 266 -6.94 -14.03 12.16
C MET A 266 -6.82 -12.84 13.08
N GLU A 267 -6.31 -13.06 14.28
CA GLU A 267 -6.10 -11.96 15.19
C GLU A 267 -5.17 -10.91 14.55
N ASN A 268 -4.10 -11.37 13.90
CA ASN A 268 -3.16 -10.47 13.24
C ASN A 268 -3.80 -9.73 12.05
N LEU A 269 -4.61 -10.43 11.26
CA LEU A 269 -5.33 -9.78 10.16
C LEU A 269 -6.22 -8.64 10.69
N VAL A 270 -7.03 -8.95 11.71
CA VAL A 270 -7.93 -7.96 12.31
C VAL A 270 -7.14 -6.77 12.84
N ASN A 271 -6.05 -7.04 13.55
CA ASN A 271 -5.20 -5.96 14.04
C ASN A 271 -4.64 -5.05 12.95
N ASN A 272 -4.35 -5.61 11.78
CA ASN A 272 -3.71 -4.87 10.71
C ASN A 272 -4.70 -4.38 9.63
N TYR A 273 -5.99 -4.42 9.94
CA TYR A 273 -7.06 -3.99 9.03
C TYR A 273 -6.73 -2.73 8.21
N ASP A 274 -6.16 -1.71 8.84
CA ASP A 274 -5.96 -0.43 8.15
C ASP A 274 -4.96 -0.50 7.03
N ASN A 275 -4.15 -1.55 7.01
CA ASN A 275 -3.12 -1.67 5.99
C ASN A 275 -3.62 -2.36 4.72
N TYR A 276 -4.88 -2.83 4.72
CA TYR A 276 -5.32 -3.80 3.73
C TYR A 276 -6.21 -3.30 2.61
N THR A 277 -6.02 -2.05 2.25
CA THR A 277 -6.75 -1.53 1.08
C THR A 277 -6.52 -2.42 -0.14
N ILE A 278 -7.59 -2.65 -0.91
CA ILE A 278 -7.46 -3.59 -2.03
C ILE A 278 -6.39 -3.09 -2.99
N PRO A 279 -5.45 -3.98 -3.26
CA PRO A 279 -4.26 -3.93 -4.09
C PRO A 279 -4.50 -3.67 -5.62
N LEU A 280 -5.37 -2.75 -6.01
CA LEU A 280 -5.78 -2.56 -7.43
C LEU A 280 -4.62 -2.16 -8.38
N VAL A 281 -4.73 -2.44 -9.68
CA VAL A 281 -3.57 -2.19 -10.57
C VAL A 281 -3.12 -0.72 -10.60
N SER A 282 -1.80 -0.58 -10.71
CA SER A 282 -1.11 0.71 -10.76
C SER A 282 -1.42 1.45 -12.06
N ASP A 283 -1.25 2.76 -12.05
CA ASP A 283 -1.37 3.57 -13.27
C ASP A 283 -0.25 3.29 -14.27
N ASP A 284 0.78 2.55 -13.82
CA ASP A 284 1.96 2.23 -14.64
C ASP A 284 1.49 1.53 -15.91
N TYR A 285 0.38 0.79 -15.85
CA TYR A 285 -0.05 0.03 -17.02
C TYR A 285 -0.68 0.89 -18.11
N MET A 286 -1.12 2.10 -17.79
CA MET A 286 -1.81 2.91 -18.79
C MET A 286 -0.88 3.87 -19.53
N LYS A 287 0.36 4.04 -19.04
CA LYS A 287 1.27 5.05 -19.61
C LYS A 287 1.86 4.59 -20.94
N GLN A 288 2.16 5.56 -21.79
CA GLN A 288 2.93 5.35 -23.01
C GLN A 288 4.42 5.29 -22.66
N TYR A 289 5.13 4.35 -23.28
CA TYR A 289 6.56 4.25 -23.11
C TYR A 289 7.19 4.20 -24.49
N ASP A 290 8.49 4.39 -24.56
CA ASP A 290 9.17 4.17 -25.82
C ASP A 290 9.08 2.72 -26.23
N ASN A 291 9.11 2.49 -27.53
CA ASN A 291 9.22 1.15 -28.05
C ASN A 291 10.59 0.64 -27.69
N LYS A 292 10.65 -0.64 -27.35
CA LYS A 292 11.91 -1.30 -27.01
C LYS A 292 11.84 -2.65 -27.71
N SER A 293 12.93 -3.08 -28.30
CA SER A 293 12.88 -4.33 -29.08
C SER A 293 12.74 -5.55 -28.19
N LEU A 294 12.18 -6.62 -28.75
CA LEU A 294 12.04 -7.90 -28.07
C LEU A 294 13.40 -8.46 -27.74
N HIS A 295 14.36 -8.25 -28.63
CA HIS A 295 15.72 -8.78 -28.39
C HIS A 295 16.31 -8.16 -27.16
N GLU A 296 16.13 -6.86 -26.97
CA GLU A 296 16.68 -6.15 -25.79
C GLU A 296 15.97 -6.59 -24.50
N ILE A 297 14.65 -6.67 -24.58
CA ILE A 297 13.83 -7.17 -23.48
C ILE A 297 14.28 -8.57 -23.07
N LYS A 298 14.45 -9.47 -24.03
CA LYS A 298 14.92 -10.80 -23.74
C LYS A 298 16.29 -10.75 -23.05
N SER A 299 17.22 -9.98 -23.58
CA SER A 299 18.55 -9.88 -22.97
C SER A 299 18.46 -9.42 -21.49
N ASP A 300 17.70 -8.36 -21.26
CA ASP A 300 17.55 -7.81 -19.86
C ASP A 300 16.91 -8.85 -18.94
N ILE A 301 15.85 -9.50 -19.39
CA ILE A 301 15.21 -10.51 -18.57
C ILE A 301 16.14 -11.70 -18.28
N GLU A 302 16.84 -12.17 -19.32
CA GLU A 302 17.81 -13.25 -19.10
C GLU A 302 18.83 -12.90 -18.06
N LYS A 303 19.35 -11.67 -18.10
CA LYS A 303 20.32 -11.24 -17.07
C LYS A 303 19.70 -11.17 -15.66
N ALA A 304 18.57 -10.49 -15.56
CA ALA A 304 17.88 -10.28 -14.28
C ALA A 304 17.50 -11.63 -13.63
N MET A 305 17.13 -12.61 -14.46
CA MET A 305 16.65 -13.91 -13.93
C MET A 305 17.68 -15.03 -13.96
N ASP A 306 18.83 -14.79 -14.60
CA ASP A 306 19.86 -15.83 -14.78
C ASP A 306 19.30 -17.05 -15.48
N VAL A 307 18.69 -16.80 -16.61
CA VAL A 307 18.27 -17.88 -17.51
C VAL A 307 18.87 -17.63 -18.88
N LYS A 308 18.95 -18.69 -19.68
CA LYS A 308 19.54 -18.59 -21.01
C LYS A 308 18.69 -19.37 -22.00
N ASN A 309 18.95 -19.11 -23.28
CA ASN A 309 18.22 -19.76 -24.38
C ASN A 309 16.71 -19.64 -24.26
N SER A 310 16.24 -18.49 -23.78
CA SER A 310 14.83 -18.29 -23.60
C SER A 310 14.18 -18.02 -24.94
N GLN A 311 12.86 -18.17 -24.97
CA GLN A 311 12.05 -17.84 -26.12
C GLN A 311 11.14 -16.68 -25.79
N ILE A 312 11.16 -15.65 -26.63
CA ILE A 312 10.27 -14.52 -26.41
C ILE A 312 9.37 -14.43 -27.64
N THR A 313 8.07 -14.22 -27.39
CA THR A 313 7.04 -14.16 -28.45
C THR A 313 6.08 -12.98 -28.23
N LYS A 314 5.70 -12.31 -29.31
CA LYS A 314 4.76 -11.18 -29.27
C LYS A 314 3.32 -11.68 -29.38
N GLU A 315 2.40 -11.00 -28.72
CA GLU A 315 0.96 -11.18 -28.94
C GLU A 315 0.32 -9.82 -29.09
N SER A 316 -0.79 -9.77 -29.83
CA SER A 316 -1.50 -8.52 -30.09
C SER A 316 -2.81 -8.44 -29.35
N SER A 317 -3.06 -7.26 -28.77
CA SER A 317 -4.33 -6.94 -28.19
C SER A 317 -4.81 -5.74 -28.96
N GLN A 318 -6.01 -5.29 -28.72
CA GLN A 318 -6.44 -4.24 -29.63
C GLN A 318 -5.83 -2.88 -29.30
N TYR A 319 -5.45 -2.63 -28.05
CA TYR A 319 -4.85 -1.35 -27.66
C TYR A 319 -3.30 -1.38 -27.60
N PHE A 320 -2.70 -2.56 -27.62
CA PHE A 320 -1.28 -2.71 -27.43
C PHE A 320 -0.79 -4.10 -27.82
N ASP A 321 0.51 -4.23 -27.96
CA ASP A 321 1.14 -5.55 -28.08
C ASP A 321 1.81 -5.88 -26.76
N THR A 322 1.91 -7.17 -26.50
CA THR A 322 2.54 -7.69 -25.31
C THR A 322 3.57 -8.74 -25.72
N TYR A 323 4.32 -9.25 -24.76
CA TYR A 323 5.21 -10.38 -24.98
C TYR A 323 5.12 -11.35 -23.81
N ASN A 324 5.47 -12.60 -24.12
CA ASN A 324 5.73 -13.65 -23.13
C ASN A 324 7.12 -14.16 -23.38
N LEU A 325 7.93 -14.25 -22.32
CA LEU A 325 9.24 -14.85 -22.40
C LEU A 325 9.18 -16.13 -21.58
N LYS A 326 9.63 -17.23 -22.18
CA LYS A 326 9.58 -18.52 -21.52
C LYS A 326 10.97 -19.09 -21.43
N ALA A 327 11.31 -19.69 -20.29
CA ALA A 327 12.63 -20.23 -20.08
C ALA A 327 12.50 -21.31 -19.05
N THR A 328 13.60 -21.97 -18.74
CA THR A 328 13.67 -22.86 -17.61
C THR A 328 14.74 -22.38 -16.70
N TYR A 329 14.63 -22.73 -15.43
CA TYR A 329 15.65 -22.41 -14.45
C TYR A 329 15.94 -23.65 -13.65
N THR A 330 17.23 -23.95 -13.50
CA THR A 330 17.64 -25.13 -12.75
C THR A 330 18.28 -24.75 -11.42
N LEU A 331 17.74 -25.31 -10.35
CA LEU A 331 18.23 -25.03 -8.99
C LEU A 331 19.56 -25.66 -8.74
N SER A 332 20.52 -24.84 -8.30
CA SER A 332 21.84 -25.36 -7.99
C SER A 332 21.77 -26.30 -6.79
N SER A 333 20.81 -26.07 -5.91
CA SER A 333 20.70 -26.84 -4.68
C SER A 333 19.21 -27.14 -4.41
N ASN A 334 18.91 -28.42 -4.18
CA ASN A 334 17.56 -28.83 -3.84
C ASN A 334 17.49 -28.90 -2.33
N LYS A 335 16.68 -28.03 -1.74
CA LYS A 335 16.56 -27.94 -0.28
C LYS A 335 15.15 -28.27 0.20
N GLY A 336 14.39 -29.00 -0.61
CA GLY A 336 13.02 -29.39 -0.22
C GLY A 336 11.96 -28.39 -0.68
N GLU A 337 10.72 -28.83 -0.69
CA GLU A 337 9.69 -28.10 -1.41
C GLU A 337 9.48 -26.66 -1.00
N ILE A 338 9.33 -26.43 0.28
CA ILE A 338 8.99 -25.11 0.73
C ILE A 338 10.20 -24.17 0.62
N SER A 339 11.40 -24.68 0.92
CA SER A 339 12.61 -23.86 0.75
C SER A 339 12.80 -23.49 -0.71
N ASN A 340 12.61 -24.46 -1.59
CA ASN A 340 12.70 -24.19 -3.03
C ASN A 340 11.67 -23.16 -3.48
N TRP A 341 10.44 -23.30 -3.01
CA TRP A 341 9.37 -22.37 -3.38
C TRP A 341 9.78 -20.96 -2.98
N ASN A 342 10.21 -20.78 -1.74
CA ASN A 342 10.62 -19.45 -1.27
C ASN A 342 11.80 -18.91 -2.02
N TYR A 343 12.74 -19.79 -2.36
CA TYR A 343 13.91 -19.39 -3.14
C TYR A 343 13.46 -18.81 -4.48
N MET A 344 12.59 -19.55 -5.16
CA MET A 344 12.14 -19.12 -6.47
C MET A 344 11.22 -17.87 -6.40
N ASN A 345 10.35 -17.78 -5.40
CA ASN A 345 9.50 -16.61 -5.22
C ASN A 345 10.35 -15.35 -4.98
N ASN A 346 11.35 -15.49 -4.14
CA ASN A 346 12.26 -14.37 -3.87
C ASN A 346 13.09 -13.98 -5.08
N LYS A 347 13.59 -14.98 -5.80
CA LYS A 347 14.42 -14.76 -6.97
C LYS A 347 13.64 -14.05 -8.04
N ILE A 348 12.41 -14.52 -8.29
CA ILE A 348 11.61 -13.94 -9.37
C ILE A 348 11.24 -12.50 -9.02
N ASN A 349 10.95 -12.23 -7.74
CA ASN A 349 10.66 -10.86 -7.34
C ASN A 349 11.90 -9.97 -7.42
N GLU A 350 13.06 -10.54 -7.14
CA GLU A 350 14.29 -9.77 -7.26
C GLU A 350 14.54 -9.44 -8.74
N ALA A 351 14.18 -10.37 -9.64
CA ALA A 351 14.31 -10.12 -11.08
C ALA A 351 13.39 -8.95 -11.49
N LEU A 352 12.15 -8.99 -11.04
CA LEU A 352 11.20 -7.90 -11.33
C LEU A 352 11.70 -6.58 -10.78
N ASN A 353 12.27 -6.59 -9.58
CA ASN A 353 12.83 -5.36 -8.99
C ASN A 353 13.99 -4.80 -9.80
N LYS A 354 14.91 -5.66 -10.24
CA LYS A 354 16.04 -5.24 -11.07
C LYS A 354 15.55 -4.61 -12.40
N LEU A 355 14.55 -5.24 -13.01
CA LEU A 355 14.00 -4.72 -14.27
C LEU A 355 13.31 -3.37 -14.00
N ASP A 356 12.56 -3.28 -12.90
CA ASP A 356 11.90 -2.01 -12.53
C ASP A 356 12.86 -0.84 -12.37
N ASN A 357 14.08 -1.13 -11.90
CA ASN A 357 15.07 -0.10 -11.62
C ASN A 357 15.85 0.38 -12.86
N LEU A 358 15.62 -0.26 -13.98
CA LEU A 358 16.14 0.19 -15.27
C LEU A 358 15.33 1.37 -15.78
N SER A 359 15.83 2.03 -16.82
CA SER A 359 15.24 3.29 -17.30
C SER A 359 13.89 3.07 -17.99
N TRP A 360 13.77 1.97 -18.72
CA TRP A 360 12.54 1.73 -19.48
C TRP A 360 11.33 1.44 -18.62
N GLY A 361 10.32 2.31 -18.69
CA GLY A 361 9.15 2.23 -17.84
C GLY A 361 8.30 1.00 -18.12
N GLY A 362 8.45 0.45 -19.32
CA GLY A 362 7.71 -0.70 -19.71
C GLY A 362 7.92 -1.87 -18.74
N TYR A 363 9.05 -1.90 -18.03
CA TYR A 363 9.31 -2.98 -17.08
C TYR A 363 8.38 -2.95 -15.88
N LYS A 364 7.72 -1.82 -15.64
CA LYS A 364 6.76 -1.75 -14.53
C LYS A 364 5.44 -2.50 -14.83
N THR A 365 5.28 -3.03 -16.03
CA THR A 365 4.11 -3.78 -16.42
C THR A 365 4.34 -5.28 -16.38
N VAL A 366 5.50 -5.71 -15.92
CA VAL A 366 5.88 -7.12 -16.03
C VAL A 366 5.33 -7.95 -14.84
N THR A 367 4.76 -9.09 -15.19
CA THR A 367 4.39 -10.12 -14.24
C THR A 367 5.17 -11.35 -14.56
N ALA A 368 5.37 -12.20 -13.57
CA ALA A 368 6.23 -13.35 -13.78
C ALA A 368 5.84 -14.48 -12.83
N TYR A 369 6.01 -15.71 -13.27
CA TYR A 369 5.87 -16.87 -12.36
C TYR A 369 6.86 -17.98 -12.71
N PHE A 370 6.98 -18.93 -11.78
CA PHE A 370 7.69 -20.18 -11.96
C PHE A 370 6.64 -21.28 -11.71
N SER A 371 6.78 -22.41 -12.37
CA SER A 371 5.85 -23.52 -12.18
C SER A 371 6.42 -24.83 -12.66
N ASN A 372 5.65 -25.89 -12.39
CA ASN A 372 5.86 -27.24 -12.88
C ASN A 372 7.27 -27.78 -12.63
N PRO A 373 7.72 -27.75 -11.36
CA PRO A 373 9.02 -28.31 -11.04
C PRO A 373 9.09 -29.78 -11.35
N ARG A 374 10.24 -30.22 -11.81
CA ARG A 374 10.54 -31.65 -12.01
C ARG A 374 12.03 -31.85 -11.88
N LEU A 375 12.39 -33.08 -11.56
CA LEU A 375 13.77 -33.45 -11.48
C LEU A 375 14.30 -33.85 -12.86
N ASN A 376 15.47 -33.36 -13.22
CA ASN A 376 16.14 -33.78 -14.46
C ASN A 376 16.92 -35.06 -14.21
N SER A 377 17.75 -35.46 -15.18
CA SER A 377 18.53 -36.72 -15.11
C SER A 377 19.57 -36.76 -14.00
N ASN A 378 20.06 -35.59 -13.56
CA ASN A 378 21.02 -35.52 -12.47
C ASN A 378 20.31 -35.19 -11.17
N ASN A 379 19.00 -35.36 -11.15
CA ASN A 379 18.19 -35.12 -9.95
C ASN A 379 18.29 -33.67 -9.46
N GLU A 380 18.40 -32.75 -10.42
CA GLU A 380 18.31 -31.32 -10.12
C GLU A 380 16.91 -30.85 -10.45
N VAL A 381 16.42 -29.91 -9.66
CA VAL A 381 15.08 -29.39 -9.82
C VAL A 381 15.07 -28.32 -10.93
N VAL A 382 14.22 -28.53 -11.94
CA VAL A 382 14.04 -27.63 -13.07
C VAL A 382 12.65 -26.99 -13.00
N TYR A 383 12.57 -25.66 -13.13
CA TYR A 383 11.30 -24.98 -13.20
C TYR A 383 11.06 -24.40 -14.58
N ASP A 384 9.78 -24.30 -14.96
CA ASP A 384 9.39 -23.38 -16.04
C ASP A 384 9.25 -21.96 -15.50
N ILE A 385 9.65 -20.99 -16.32
CA ILE A 385 9.64 -19.58 -15.96
C ILE A 385 8.88 -18.87 -17.09
N VAL A 386 7.97 -17.99 -16.72
CA VAL A 386 7.28 -17.14 -17.69
C VAL A 386 7.22 -15.72 -17.20
N PHE A 387 7.60 -14.79 -18.09
CA PHE A 387 7.43 -13.35 -17.85
C PHE A 387 6.49 -12.80 -18.91
N HIS A 388 5.63 -11.88 -18.51
CA HIS A 388 4.64 -11.27 -19.39
C HIS A 388 4.71 -9.79 -19.24
N GLY A 389 4.71 -9.06 -20.32
CA GLY A 389 4.75 -7.60 -20.24
C GLY A 389 4.22 -6.86 -21.45
N LEU A 390 4.05 -5.57 -21.27
CA LEU A 390 3.73 -4.66 -22.37
C LEU A 390 4.94 -4.57 -23.30
N LEU A 391 4.66 -4.59 -24.60
CA LEU A 391 5.68 -4.36 -25.60
C LEU A 391 5.55 -2.94 -26.12
N SER A 392 4.36 -2.59 -26.57
CA SER A 392 4.08 -1.27 -27.15
C SER A 392 2.58 -0.98 -27.14
N HIS A 393 2.21 0.28 -26.87
CA HIS A 393 0.82 0.77 -27.05
C HIS A 393 0.62 1.12 -28.51
N ASN A 394 -0.61 0.92 -29.02
CA ASN A 394 -1.00 1.35 -30.37
C ASN A 394 -1.49 2.79 -30.40
N THR B 3 31.31 -20.35 12.81
CA THR B 3 31.39 -18.86 12.78
C THR B 3 30.15 -18.26 12.13
N ASP B 4 29.14 -18.06 12.96
CA ASP B 4 27.86 -17.59 12.51
C ASP B 4 27.84 -16.06 12.55
N ILE B 5 28.08 -15.45 11.40
CA ILE B 5 28.15 -14.00 11.30
C ILE B 5 26.81 -13.34 11.59
N ASN B 6 25.72 -13.93 11.09
CA ASN B 6 24.39 -13.37 11.32
C ASN B 6 24.03 -13.36 12.80
N LYS B 7 24.47 -14.40 13.51
CA LYS B 7 24.28 -14.51 14.96
C LYS B 7 25.08 -13.43 15.67
N LEU B 8 26.32 -13.25 15.22
CA LEU B 8 27.15 -12.17 15.71
C LEU B 8 26.50 -10.83 15.63
N ILE B 9 25.95 -10.54 14.45
CA ILE B 9 25.25 -9.31 14.20
C ILE B 9 24.00 -9.19 15.11
N GLU B 10 23.20 -10.25 15.21
CA GLU B 10 21.97 -10.21 16.02
C GLU B 10 22.29 -9.96 17.50
N GLU B 11 23.32 -10.67 17.98
CA GLU B 11 23.78 -10.57 19.39
C GLU B 11 24.33 -9.16 19.65
N GLY B 12 25.02 -8.59 18.64
CA GLY B 12 25.49 -7.20 18.71
C GLY B 12 24.35 -6.20 18.78
N LYS B 13 23.31 -6.38 17.97
CA LYS B 13 22.12 -5.50 18.06
C LYS B 13 21.48 -5.60 19.45
N LYS B 14 21.36 -6.82 19.97
CA LYS B 14 20.79 -7.05 21.29
C LYS B 14 21.62 -6.33 22.38
N HIS B 15 22.94 -6.39 22.25
CA HIS B 15 23.80 -5.73 23.19
C HIS B 15 23.74 -4.23 23.19
N TYR B 16 23.83 -3.63 22.00
CA TYR B 16 23.88 -2.17 21.92
C TYR B 16 22.50 -1.51 21.92
N LEU B 17 21.46 -2.27 21.58
CA LEU B 17 20.09 -1.72 21.53
C LEU B 17 19.21 -2.66 22.33
N PRO B 18 19.49 -2.81 23.63
CA PRO B 18 18.78 -3.85 24.38
C PRO B 18 17.32 -3.53 24.70
N LYS B 19 16.92 -2.28 24.55
CA LYS B 19 15.57 -1.86 24.94
C LYS B 19 14.67 -1.67 23.72
N THR B 20 13.45 -2.18 23.85
CA THR B 20 12.44 -2.08 22.80
C THR B 20 11.19 -1.45 23.42
N TYR B 21 10.67 -0.43 22.76
CA TYR B 21 9.45 0.24 23.17
C TYR B 21 8.50 0.30 22.00
N THR B 22 7.30 -0.25 22.19
CA THR B 22 6.37 -0.39 21.12
C THR B 22 5.16 0.51 21.35
N PHE B 23 4.65 1.09 20.29
CA PHE B 23 3.56 2.04 20.37
C PHE B 23 2.55 1.72 19.27
N ASP B 24 1.32 2.17 19.49
CA ASP B 24 0.27 2.14 18.47
C ASP B 24 0.06 0.71 17.96
N ASN B 25 -0.16 -0.21 18.89
CA ASN B 25 -0.45 -1.61 18.55
C ASN B 25 0.62 -2.14 17.59
N GLY B 26 1.88 -1.83 17.89
CA GLY B 26 3.02 -2.33 17.12
C GLY B 26 3.39 -1.59 15.85
N LYS B 27 2.70 -0.51 15.53
CA LYS B 27 2.95 0.23 14.31
C LYS B 27 4.15 1.19 14.44
N ILE B 28 4.68 1.36 15.65
CA ILE B 28 5.93 2.08 15.87
C ILE B 28 6.72 1.23 16.82
N ILE B 29 7.95 0.90 16.43
CA ILE B 29 8.88 0.13 17.27
C ILE B 29 10.13 0.97 17.47
N ILE B 30 10.47 1.23 18.72
CA ILE B 30 11.67 2.00 19.03
C ILE B 30 12.66 1.08 19.70
N LYS B 31 13.82 0.91 19.07
CA LYS B 31 14.91 0.09 19.63
C LYS B 31 15.98 1.03 20.11
N ALA B 32 16.45 0.90 21.36
CA ALA B 32 17.35 1.90 21.88
C ALA B 32 18.37 1.35 22.85
N GLY B 33 19.46 2.10 22.98
CA GLY B 33 20.48 1.78 23.94
C GLY B 33 19.97 1.92 25.37
N ASP B 34 20.65 1.23 26.28
CA ASP B 34 20.22 1.22 27.68
C ASP B 34 20.28 2.57 28.41
N LYS B 35 20.94 3.56 27.81
CA LYS B 35 21.11 4.88 28.43
C LYS B 35 20.23 5.97 27.82
N VAL B 36 19.45 5.63 26.78
CA VAL B 36 18.49 6.57 26.23
C VAL B 36 17.29 6.62 27.17
N GLU B 37 16.96 7.79 27.67
CA GLU B 37 15.93 7.94 28.70
C GLU B 37 14.54 7.60 28.19
N GLU B 38 13.81 6.81 28.98
CA GLU B 38 12.45 6.47 28.59
C GLU B 38 11.60 7.71 28.36
N SER B 39 11.80 8.76 29.17
CA SER B 39 11.06 10.02 28.96
C SER B 39 11.33 10.61 27.57
N LYS B 40 12.58 10.53 27.11
CA LYS B 40 12.92 11.03 25.77
C LYS B 40 12.23 10.24 24.67
N ILE B 41 12.18 8.94 24.83
CA ILE B 41 11.52 8.06 23.89
C ILE B 41 10.04 8.45 23.74
N GLN B 42 9.38 8.69 24.88
CA GLN B 42 7.98 9.07 24.90
C GLN B 42 7.79 10.42 24.22
N LYS B 43 8.73 11.33 24.43
CA LYS B 43 8.65 12.63 23.75
C LYS B 43 8.69 12.52 22.23
N LEU B 44 9.55 11.64 21.72
CA LEU B 44 9.67 11.47 20.29
C LEU B 44 8.34 10.94 19.76
N TYR B 45 7.67 10.06 20.51
CA TYR B 45 6.38 9.57 20.07
C TYR B 45 5.37 10.71 19.92
N TRP B 46 5.27 11.55 20.94
CA TRP B 46 4.30 12.64 20.90
C TRP B 46 4.70 13.69 19.88
N ALA B 47 6.01 13.93 19.72
CA ALA B 47 6.51 14.85 18.69
C ALA B 47 6.05 14.39 17.30
N SER B 48 6.14 13.09 17.09
CA SER B 48 5.74 12.50 15.83
C SER B 48 4.28 12.81 15.50
N LYS B 49 3.42 12.82 16.51
CA LYS B 49 1.99 13.08 16.24
C LYS B 49 1.76 14.54 15.89
N GLU B 50 2.51 15.44 16.51
CA GLU B 50 2.40 16.89 16.18
C GLU B 50 2.77 17.10 14.71
N VAL B 51 3.93 16.56 14.32
CA VAL B 51 4.42 16.69 12.93
C VAL B 51 3.42 16.03 11.95
N LYS B 52 3.00 14.81 12.27
CA LYS B 52 2.06 14.06 11.44
C LYS B 52 0.78 14.88 11.15
N SER B 53 0.21 15.46 12.20
N SER B 53 0.21 15.45 12.20
CA SER B 53 -1.04 16.19 12.03
CA SER B 53 -1.03 16.19 12.03
C SER B 53 -0.87 17.44 11.15
C SER B 53 -0.85 17.41 11.13
N GLN B 54 0.22 18.20 11.34
CA GLN B 54 0.43 19.38 10.49
C GLN B 54 0.69 18.94 9.06
N PHE B 55 1.43 17.85 8.92
CA PHE B 55 1.73 17.32 7.59
C PHE B 55 0.45 16.95 6.86
N HIS B 56 -0.43 16.20 7.51
CA HIS B 56 -1.69 15.84 6.81
C HIS B 56 -2.52 17.07 6.53
N ARG B 57 -2.58 18.02 7.45
CA ARG B 57 -3.38 19.24 7.16
C ARG B 57 -2.87 19.93 5.88
N ILE B 58 -1.54 20.13 5.81
CA ILE B 58 -0.94 20.94 4.74
C ILE B 58 -0.86 20.19 3.42
N ILE B 59 -0.43 18.93 3.48
CA ILE B 59 -0.30 18.06 2.31
C ILE B 59 -1.67 17.60 1.77
N GLY B 60 -2.68 17.44 2.66
CA GLY B 60 -4.05 17.08 2.23
C GLY B 60 -4.32 15.63 1.95
N ASN B 61 -3.38 14.76 2.29
CA ASN B 61 -3.51 13.33 2.09
C ASN B 61 -3.04 12.61 3.34
N ASP B 62 -3.86 11.66 3.83
CA ASP B 62 -3.42 10.69 4.88
C ASP B 62 -3.55 9.19 4.46
N LYS B 63 -3.64 8.97 3.16
CA LYS B 63 -3.69 7.61 2.62
C LYS B 63 -2.34 7.24 2.00
N PRO B 64 -1.72 6.16 2.46
CA PRO B 64 -0.42 5.85 1.87
C PRO B 64 -0.54 5.72 0.37
N LEU B 65 0.47 6.19 -0.34
CA LEU B 65 0.43 6.14 -1.83
C LEU B 65 0.47 4.71 -2.37
N GLU B 66 1.18 3.82 -1.66
CA GLU B 66 1.29 2.42 -2.05
C GLU B 66 0.82 1.54 -0.93
N VAL B 67 0.37 0.34 -1.34
CA VAL B 67 -0.19 -0.66 -0.43
C VAL B 67 0.88 -1.71 -0.16
N GLY B 68 1.07 -2.05 1.10
CA GLY B 68 1.94 -3.12 1.49
C GLY B 68 3.41 -2.76 1.70
N ASN B 69 3.77 -1.47 1.71
CA ASN B 69 5.18 -1.07 1.87
C ASN B 69 5.69 -1.31 3.29
N ALA B 70 7.01 -1.38 3.42
CA ALA B 70 7.66 -1.61 4.70
C ALA B 70 7.28 -0.57 5.73
N ASP B 71 7.03 0.66 5.28
CA ASP B 71 6.73 1.76 6.23
C ASP B 71 5.35 1.69 6.89
N ASP B 72 4.58 0.62 6.62
CA ASP B 72 3.38 0.29 7.38
C ASP B 72 3.77 0.15 8.86
N ILE B 73 5.03 -0.20 9.12
CA ILE B 73 5.63 -0.12 10.46
C ILE B 73 6.82 0.85 10.47
N LEU B 74 6.81 1.82 11.40
CA LEU B 74 7.96 2.74 11.56
C LEU B 74 8.85 2.23 12.66
N THR B 75 10.11 1.97 12.33
CA THR B 75 11.07 1.51 13.32
C THR B 75 12.04 2.66 13.51
N ILE B 76 12.32 2.96 14.77
CA ILE B 76 13.24 4.00 15.17
C ILE B 76 14.34 3.35 16.02
N VAL B 77 15.57 3.55 15.60
CA VAL B 77 16.73 2.92 16.24
C VAL B 77 17.60 4.03 16.82
N ILE B 78 17.82 3.97 18.13
CA ILE B 78 18.51 5.07 18.81
C ILE B 78 19.68 4.55 19.64
N TYR B 79 20.90 4.71 19.11
CA TYR B 79 22.09 4.33 19.84
C TYR B 79 22.32 5.29 20.99
N ASN B 80 23.12 4.86 21.97
CA ASN B 80 23.32 5.65 23.17
C ASN B 80 24.01 6.98 22.93
N ASN B 81 24.91 7.02 21.94
CA ASN B 81 25.79 8.16 21.76
C ASN B 81 26.39 8.11 20.36
N PRO B 82 27.05 9.20 19.92
CA PRO B 82 27.65 9.22 18.58
C PRO B 82 28.71 8.12 18.32
N GLU B 83 29.43 7.68 19.35
CA GLU B 83 30.46 6.65 19.19
C GLU B 83 29.79 5.30 18.88
N GLU B 84 28.78 4.92 19.66
CA GLU B 84 28.11 3.63 19.44
C GLU B 84 27.31 3.63 18.13
N TYR B 85 26.86 4.79 17.70
CA TYR B 85 26.17 4.94 16.42
C TYR B 85 27.01 4.41 15.26
N LYS B 86 28.31 4.63 15.34
CA LYS B 86 29.19 4.17 14.27
C LYS B 86 29.03 2.68 14.00
N LEU B 87 28.63 1.91 15.01
CA LEU B 87 28.41 0.47 14.84
C LEU B 87 27.24 0.14 13.88
N ASN B 88 26.38 1.13 13.61
CA ASN B 88 25.24 0.89 12.71
C ASN B 88 25.70 0.47 11.31
N LYS B 89 26.88 0.94 10.90
CA LYS B 89 27.43 0.59 9.58
C LYS B 89 27.61 -0.93 9.52
N THR B 90 28.13 -1.52 10.59
CA THR B 90 28.31 -2.95 10.62
C THR B 90 27.02 -3.69 10.93
N LEU B 91 26.27 -3.22 11.93
CA LEU B 91 25.12 -4.00 12.39
C LEU B 91 23.98 -4.05 11.38
N TYR B 92 23.75 -2.94 10.68
CA TYR B 92 22.58 -2.80 9.83
C TYR B 92 22.95 -2.46 8.38
N GLY B 93 24.12 -1.87 8.20
CA GLY B 93 24.72 -1.68 6.88
C GLY B 93 24.61 -0.30 6.29
N TYR B 94 24.17 0.68 7.07
CA TYR B 94 23.88 2.01 6.51
C TYR B 94 24.94 2.99 6.92
N SER B 95 25.11 4.00 6.11
CA SER B 95 26.06 5.07 6.34
C SER B 95 25.87 5.70 7.70
N VAL B 96 26.99 5.88 8.42
CA VAL B 96 27.00 6.59 9.69
C VAL B 96 27.61 7.98 9.59
N ASP B 97 27.83 8.45 8.36
CA ASP B 97 28.39 9.79 8.16
C ASP B 97 27.30 10.88 8.13
N ASN B 98 26.60 11.04 9.26
CA ASN B 98 25.44 11.91 9.40
C ASN B 98 25.04 11.93 10.88
N GLY B 99 24.00 12.67 11.23
CA GLY B 99 23.45 12.63 12.58
C GLY B 99 22.25 11.68 12.72
N GLY B 100 22.00 10.92 11.66
CA GLY B 100 20.85 10.02 11.56
C GLY B 100 20.45 9.87 10.11
N ILE B 101 19.73 8.79 9.79
CA ILE B 101 19.35 8.52 8.41
C ILE B 101 18.07 7.71 8.39
N TYR B 102 17.17 8.09 7.49
CA TYR B 102 15.92 7.33 7.25
C TYR B 102 16.03 6.50 6.00
N ILE B 103 15.74 5.20 6.13
CA ILE B 103 15.78 4.29 5.03
C ILE B 103 14.34 3.82 4.75
N GLU B 104 13.75 4.35 3.68
CA GLU B 104 12.35 4.06 3.34
C GLU B 104 12.04 2.61 3.07
N GLY B 105 12.94 1.91 2.37
CA GLY B 105 12.75 0.51 2.03
C GLY B 105 12.58 -0.43 3.23
N ILE B 106 13.01 -0.01 4.41
CA ILE B 106 12.81 -0.81 5.63
C ILE B 106 12.04 -0.03 6.69
N GLY B 107 11.52 1.13 6.31
CA GLY B 107 10.73 1.96 7.19
C GLY B 107 11.45 2.28 8.48
N THR B 108 12.76 2.47 8.41
CA THR B 108 13.57 2.60 9.61
C THR B 108 14.39 3.86 9.62
N PHE B 109 14.28 4.61 10.73
CA PHE B 109 15.09 5.78 11.03
C PHE B 109 16.15 5.38 12.04
N PHE B 110 17.41 5.66 11.74
CA PHE B 110 18.53 5.31 12.62
C PHE B 110 19.14 6.58 13.12
N THR B 111 19.39 6.66 14.43
CA THR B 111 20.04 7.83 15.00
C THR B 111 20.68 7.52 16.34
N TYR B 112 20.97 8.56 17.11
CA TYR B 112 21.56 8.38 18.41
C TYR B 112 21.23 9.53 19.33
N GLU B 113 21.22 9.26 20.63
CA GLU B 113 21.08 10.33 21.60
C GLU B 113 22.41 11.11 21.65
N ARG B 114 22.34 12.40 21.95
CA ARG B 114 23.54 13.27 21.96
C ARG B 114 23.40 14.42 22.95
N THR B 115 24.53 14.98 23.36
CA THR B 115 24.55 16.16 24.24
C THR B 115 24.51 17.44 23.41
N PRO B 116 24.23 18.57 24.06
CA PRO B 116 24.29 19.81 23.29
C PRO B 116 25.70 20.16 22.81
N GLN B 117 26.74 19.55 23.39
CA GLN B 117 28.13 19.74 22.94
C GLN B 117 28.50 18.84 21.75
N GLU B 118 27.66 17.86 21.43
CA GLU B 118 27.90 16.96 20.30
C GLU B 118 27.12 17.40 19.06
N SER B 119 26.01 18.11 19.24
CA SER B 119 25.25 18.63 18.10
C SER B 119 24.46 19.85 18.50
N ILE B 120 24.27 20.77 17.56
CA ILE B 120 23.37 21.89 17.78
C ILE B 120 21.90 21.40 17.76
N TYR B 121 21.65 20.20 17.22
CA TYR B 121 20.29 19.68 17.13
C TYR B 121 20.09 18.61 18.18
N SER B 122 19.14 18.85 19.08
CA SER B 122 18.70 17.83 20.02
C SER B 122 18.08 16.66 19.25
N LEU B 123 17.99 15.53 19.93
CA LEU B 123 17.46 14.34 19.34
C LEU B 123 16.02 14.58 18.86
N GLU B 124 15.21 15.28 19.66
CA GLU B 124 13.83 15.55 19.25
C GLU B 124 13.78 16.44 18.01
N GLU B 125 14.66 17.44 17.96
CA GLU B 125 14.67 18.34 16.81
C GLU B 125 15.08 17.59 15.54
N LEU B 126 16.12 16.75 15.64
CA LEU B 126 16.56 15.98 14.48
C LEU B 126 15.51 14.95 14.09
N PHE B 127 14.93 14.29 15.07
CA PHE B 127 13.87 13.35 14.82
C PHE B 127 12.70 14.04 14.10
N ARG B 128 12.29 15.20 14.56
CA ARG B 128 11.17 15.89 13.88
C ARG B 128 11.45 16.14 12.38
N HIS B 129 12.68 16.49 12.06
CA HIS B 129 13.11 16.59 10.66
C HIS B 129 13.01 15.26 9.96
N GLU B 130 13.66 14.24 10.50
CA GLU B 130 13.79 12.96 9.78
C GLU B 130 12.48 12.24 9.69
N PHE B 131 11.64 12.40 10.72
CA PHE B 131 10.30 11.84 10.66
C PHE B 131 9.55 12.34 9.45
N THR B 132 9.77 13.58 9.04
CA THR B 132 9.08 14.11 7.88
C THR B 132 9.52 13.33 6.59
N HIS B 133 10.76 12.85 6.54
CA HIS B 133 11.13 11.99 5.41
C HIS B 133 10.30 10.75 5.38
N TYR B 134 10.00 10.19 6.55
CA TYR B 134 9.07 9.04 6.61
C TYR B 134 7.70 9.44 6.05
N LEU B 135 7.17 10.57 6.50
CA LEU B 135 5.87 11.02 6.04
C LEU B 135 5.85 11.28 4.54
N GLN B 136 6.91 11.92 4.05
CA GLN B 136 7.01 12.18 2.62
C GLN B 136 7.05 10.89 1.83
N GLY B 137 7.82 9.92 2.31
CA GLY B 137 7.95 8.66 1.58
C GLY B 137 6.61 7.92 1.52
N ARG B 138 5.86 8.00 2.59
CA ARG B 138 4.62 7.26 2.72
C ARG B 138 3.43 7.90 2.02
N TYR B 139 3.29 9.22 2.16
CA TYR B 139 2.07 9.92 1.77
C TYR B 139 2.22 10.90 0.61
N LEU B 140 3.44 11.16 0.15
CA LEU B 140 3.65 12.24 -0.84
C LEU B 140 4.39 11.80 -2.11
N ILE B 141 5.46 11.01 -1.99
CA ILE B 141 6.31 10.67 -3.15
C ILE B 141 6.16 9.20 -3.52
N PRO B 142 5.69 8.89 -4.72
CA PRO B 142 5.49 7.50 -5.11
C PRO B 142 6.83 6.77 -5.25
N GLY B 143 6.81 5.46 -5.03
CA GLY B 143 8.00 4.63 -5.19
C GLY B 143 8.92 4.83 -4.02
N LEU B 144 10.12 4.30 -4.07
CA LEU B 144 11.04 4.40 -2.96
C LEU B 144 12.09 5.43 -3.26
N PHE B 145 12.63 6.01 -2.20
CA PHE B 145 13.70 6.98 -2.29
C PHE B 145 14.79 6.47 -3.23
N ASN B 146 15.17 7.34 -4.16
CA ASN B 146 16.17 7.08 -5.20
C ASN B 146 15.78 6.05 -6.25
N LYS B 147 14.53 5.58 -6.22
CA LYS B 147 14.03 4.59 -7.15
C LYS B 147 12.73 4.99 -7.88
N GLY B 148 11.86 5.78 -7.23
CA GLY B 148 10.59 6.14 -7.86
C GLY B 148 10.85 7.07 -9.03
N ASP B 149 9.81 7.32 -9.81
CA ASP B 149 9.96 8.14 -11.03
C ASP B 149 10.53 9.51 -10.73
N PHE B 150 10.20 10.08 -9.56
CA PHE B 150 10.76 11.40 -9.21
C PHE B 150 12.28 11.45 -9.06
N TYR B 151 12.94 10.30 -8.92
CA TYR B 151 14.39 10.20 -8.79
C TYR B 151 15.10 9.71 -10.07
N LYS B 152 14.33 9.27 -11.06
CA LYS B 152 14.93 8.84 -12.31
C LYS B 152 15.20 10.00 -13.26
N GLY B 153 16.35 9.89 -13.95
CA GLY B 153 16.78 10.90 -14.91
C GLY B 153 17.55 12.01 -14.24
N ASN B 154 16.80 12.92 -13.65
CA ASN B 154 17.38 13.92 -12.74
C ASN B 154 17.08 13.55 -11.30
N ASN B 155 18.06 12.90 -10.67
CA ASN B 155 17.97 12.37 -9.33
C ASN B 155 17.77 13.41 -8.23
N GLY B 156 18.17 14.63 -8.51
CA GLY B 156 17.98 15.71 -7.54
C GLY B 156 16.83 16.66 -7.85
N ARG B 157 15.86 16.28 -8.69
CA ARG B 157 14.85 17.29 -9.10
C ARG B 157 13.95 17.75 -7.95
N ILE B 158 13.81 16.92 -6.91
CA ILE B 158 12.89 17.18 -5.81
C ILE B 158 13.63 17.48 -4.52
N THR B 159 14.96 17.47 -4.60
CA THR B 159 15.79 17.57 -3.41
C THR B 159 15.50 18.85 -2.60
N TRP B 160 15.34 20.00 -3.25
CA TRP B 160 15.18 21.23 -2.50
C TRP B 160 13.95 21.13 -1.64
N PHE B 161 12.94 20.46 -2.17
CA PHE B 161 11.61 20.42 -1.53
C PHE B 161 11.61 19.34 -0.48
N GLU B 162 12.18 18.21 -0.81
CA GLU B 162 12.21 17.09 0.13
C GLU B 162 12.95 17.53 1.41
N GLU B 163 14.10 18.17 1.25
CA GLU B 163 14.86 18.61 2.44
C GLU B 163 14.29 19.91 3.03
N GLY B 164 13.87 20.85 2.20
CA GLY B 164 13.29 22.07 2.73
C GLY B 164 12.03 21.84 3.52
N SER B 165 11.12 20.99 2.99
CA SER B 165 9.87 20.74 3.67
C SER B 165 10.09 19.90 4.94
N ALA B 166 11.10 19.02 4.94
CA ALA B 166 11.46 18.34 6.20
C ALA B 166 11.90 19.31 7.29
N GLU B 167 12.68 20.32 6.93
CA GLU B 167 13.10 21.30 7.88
C GLU B 167 11.88 22.08 8.38
N PHE B 168 11.01 22.44 7.46
CA PHE B 168 9.82 23.21 7.82
C PHE B 168 8.91 22.46 8.80
N PHE B 169 8.53 21.24 8.46
CA PHE B 169 7.59 20.47 9.28
C PHE B 169 8.14 20.11 10.62
N ALA B 170 9.48 20.17 10.79
CA ALA B 170 10.09 19.96 12.09
C ALA B 170 9.61 20.95 13.11
N GLY B 171 9.06 22.10 12.64
CA GLY B 171 8.54 23.15 13.54
C GLY B 171 7.08 23.02 13.92
N SER B 172 6.50 21.84 13.68
CA SER B 172 5.09 21.61 13.96
C SER B 172 4.76 21.66 15.43
N THR B 173 3.64 22.26 15.75
CA THR B 173 3.05 22.20 17.08
C THR B 173 1.67 21.54 16.99
N ARG B 174 0.87 21.62 18.05
CA ARG B 174 -0.52 21.11 17.98
C ARG B 174 -1.41 21.95 17.06
N THR B 175 -1.02 23.18 16.77
CA THR B 175 -1.92 24.06 16.04
C THR B 175 -1.36 24.69 14.79
N SER B 176 -0.05 24.69 14.63
CA SER B 176 0.54 25.35 13.47
C SER B 176 1.93 24.76 13.15
N VAL B 177 2.61 25.36 12.17
CA VAL B 177 4.02 25.06 11.91
C VAL B 177 4.69 26.39 12.15
N LEU B 178 5.55 26.47 13.16
CA LEU B 178 6.18 27.71 13.56
C LEU B 178 7.59 27.80 12.97
N PRO B 179 8.09 29.05 12.78
CA PRO B 179 9.46 29.14 12.35
C PRO B 179 10.43 28.61 13.38
N ARG B 180 11.51 28.02 12.88
CA ARG B 180 12.53 27.43 13.75
C ARG B 180 13.73 28.36 13.85
N LYS B 181 14.03 28.78 15.07
CA LYS B 181 15.16 29.70 15.33
C LYS B 181 16.46 29.20 14.72
N SER B 182 16.70 27.89 14.83
CA SER B 182 17.91 27.29 14.30
C SER B 182 18.05 27.40 12.78
N MET B 183 16.95 27.31 12.03
CA MET B 183 16.94 27.40 10.57
C MET B 183 17.05 28.86 10.15
N VAL B 184 16.31 29.74 10.82
CA VAL B 184 16.33 31.15 10.47
C VAL B 184 17.72 31.76 10.70
N GLY B 185 18.42 31.31 11.74
CA GLY B 185 19.76 31.78 12.01
C GLY B 185 20.73 31.42 10.91
N GLY B 186 20.39 30.40 10.12
CA GLY B 186 21.25 29.99 9.02
C GLY B 186 21.05 30.75 7.71
N LEU B 187 20.02 31.60 7.64
CA LEU B 187 19.82 32.48 6.48
C LEU B 187 20.78 33.66 6.53
N SER B 188 21.36 34.07 5.40
CA SER B 188 22.26 35.23 5.40
C SER B 188 21.53 36.49 5.84
N LYS B 189 22.24 37.35 6.58
CA LYS B 189 21.73 38.69 6.93
C LYS B 189 21.80 39.62 5.71
N ASN B 190 22.65 39.31 4.73
CA ASN B 190 22.80 40.13 3.53
C ASN B 190 21.84 39.64 2.46
N PRO B 191 20.86 40.46 2.06
CA PRO B 191 19.88 39.99 1.07
C PRO B 191 20.48 39.51 -0.24
N LYS B 192 21.64 40.05 -0.61
CA LYS B 192 22.31 39.73 -1.88
C LYS B 192 22.91 38.32 -1.87
N GLU B 193 23.15 37.77 -0.69
CA GLU B 193 23.64 36.41 -0.60
C GLU B 193 22.54 35.36 -0.50
N ARG B 194 21.30 35.79 -0.27
CA ARG B 194 20.19 34.84 -0.12
C ARG B 194 19.88 34.22 -1.47
N PHE B 195 19.50 32.95 -1.47
CA PHE B 195 19.13 32.29 -2.71
C PHE B 195 17.88 32.96 -3.31
N ASN B 196 17.83 33.05 -4.61
CA ASN B 196 16.59 33.39 -5.29
C ASN B 196 15.87 32.06 -5.62
N ALA B 197 14.64 32.14 -6.13
CA ALA B 197 13.84 30.93 -6.32
C ALA B 197 14.53 29.99 -7.32
N ASP B 198 15.10 30.54 -8.38
CA ASP B 198 15.72 29.71 -9.41
C ASP B 198 16.85 28.88 -8.82
N LYS B 199 17.71 29.54 -8.07
CA LYS B 199 18.85 28.87 -7.47
C LYS B 199 18.39 27.78 -6.55
N LEU B 200 17.42 28.09 -5.70
CA LEU B 200 16.92 27.09 -4.73
C LEU B 200 16.28 25.91 -5.44
N LEU B 201 15.39 26.19 -6.38
CA LEU B 201 14.57 25.14 -7.02
C LEU B 201 15.36 24.14 -7.89
N HIS B 202 16.65 24.42 -8.11
CA HIS B 202 17.56 23.51 -8.84
C HIS B 202 18.72 23.01 -8.02
N SER B 203 18.63 23.21 -6.71
CA SER B 203 19.70 22.79 -5.80
C SER B 203 19.74 21.25 -5.68
N LYS B 204 20.93 20.71 -5.44
CA LYS B 204 21.13 19.29 -5.26
C LYS B 204 22.02 19.04 -4.09
N TYR B 205 22.08 17.80 -3.64
CA TYR B 205 22.94 17.48 -2.49
C TYR B 205 24.37 17.90 -2.66
N SER B 206 24.89 17.82 -3.88
CA SER B 206 26.32 18.17 -4.16
C SER B 206 26.61 19.68 -4.07
N ASP B 207 25.57 20.50 -3.81
CA ASP B 207 25.72 21.94 -3.65
C ASP B 207 26.02 22.35 -2.23
N GLY B 208 26.15 21.38 -1.33
CA GLY B 208 26.52 21.72 0.03
C GLY B 208 25.29 21.81 0.88
N TRP B 209 25.27 22.69 1.88
CA TRP B 209 24.24 22.58 2.89
C TRP B 209 23.35 23.78 3.06
N ASP B 210 23.71 24.92 2.47
CA ASP B 210 22.88 26.14 2.57
C ASP B 210 21.47 25.96 1.95
N PHE B 211 21.32 25.13 0.91
CA PHE B 211 19.98 24.96 0.27
C PHE B 211 18.95 24.41 1.22
N TYR B 212 19.36 23.69 2.25
CA TYR B 212 18.42 23.24 3.26
C TYR B 212 17.74 24.44 3.93
N LYS B 213 18.49 25.48 4.26
CA LYS B 213 17.92 26.61 4.96
C LYS B 213 17.05 27.48 4.03
N TYR B 214 17.45 27.66 2.81
CA TYR B 214 16.62 28.41 1.87
C TYR B 214 15.38 27.60 1.48
N GLY B 215 15.52 26.28 1.44
CA GLY B 215 14.38 25.43 1.12
C GLY B 215 13.40 25.45 2.28
N TYR B 216 13.94 25.44 3.51
CA TYR B 216 13.11 25.70 4.70
C TYR B 216 12.34 27.05 4.57
N ALA B 217 13.06 28.11 4.28
CA ALA B 217 12.45 29.44 4.16
C ALA B 217 11.40 29.51 3.03
N PHE B 218 11.67 28.87 1.89
CA PHE B 218 10.69 28.80 0.82
C PHE B 218 9.42 28.03 1.19
N SER B 219 9.57 26.96 1.96
CA SER B 219 8.42 26.21 2.47
C SER B 219 7.59 27.09 3.43
N ASP B 220 8.24 27.82 4.31
CA ASP B 220 7.51 28.71 5.21
C ASP B 220 6.80 29.81 4.42
N TYR B 221 7.47 30.33 3.39
CA TYR B 221 6.89 31.32 2.51
C TYR B 221 5.62 30.75 1.85
N MET B 222 5.67 29.54 1.33
CA MET B 222 4.48 28.95 0.71
C MET B 222 3.33 28.77 1.73
N TYR B 223 3.63 28.20 2.88
CA TYR B 223 2.60 28.01 3.92
C TYR B 223 1.91 29.32 4.29
N ASN B 224 2.68 30.40 4.49
CA ASN B 224 2.09 31.65 4.97
C ASN B 224 1.57 32.56 3.87
N ASN B 225 2.14 32.46 2.67
CA ASN B 225 1.82 33.42 1.58
C ASN B 225 1.66 32.87 0.18
N ASN B 226 1.83 31.58 -0.04
CA ASN B 226 1.57 31.03 -1.37
C ASN B 226 1.09 29.58 -1.26
N LYS B 227 -0.06 29.45 -0.64
CA LYS B 227 -0.63 28.14 -0.40
C LYS B 227 -0.92 27.43 -1.71
N LYS B 228 -1.23 28.18 -2.77
CA LYS B 228 -1.55 27.55 -4.06
C LYS B 228 -0.36 26.84 -4.66
N LEU B 229 0.82 27.44 -4.56
CA LEU B 229 2.03 26.80 -5.07
C LEU B 229 2.33 25.53 -4.29
N PHE B 230 2.17 25.59 -2.98
CA PHE B 230 2.39 24.44 -2.11
C PHE B 230 1.46 23.31 -2.61
N SER B 231 0.19 23.65 -2.74
CA SER B 231 -0.84 22.70 -3.21
C SER B 231 -0.54 22.16 -4.61
N ASP B 232 -0.13 23.04 -5.51
CA ASP B 232 0.21 22.64 -6.87
C ASP B 232 1.41 21.68 -6.92
N LEU B 233 2.44 21.96 -6.11
CA LEU B 233 3.60 21.07 -6.03
C LEU B 233 3.22 19.67 -5.53
N VAL B 234 2.50 19.64 -4.42
CA VAL B 234 2.15 18.35 -3.79
C VAL B 234 1.25 17.54 -4.71
N SER B 235 0.38 18.21 -5.50
CA SER B 235 -0.48 17.49 -6.45
C SER B 235 0.36 16.79 -7.48
N THR B 236 1.39 17.46 -8.02
CA THR B 236 2.19 16.82 -9.05
C THR B 236 2.92 15.60 -8.46
N MET B 237 3.28 15.68 -7.18
CA MET B 237 4.03 14.63 -6.52
C MET B 237 3.14 13.43 -6.27
N LYS B 238 2.00 13.66 -5.63
CA LYS B 238 1.05 12.59 -5.34
C LYS B 238 0.60 11.87 -6.58
N ASN B 239 0.51 12.60 -7.69
CA ASN B 239 0.10 12.04 -8.96
C ASN B 239 1.25 11.37 -9.73
N ASN B 240 2.49 11.42 -9.24
CA ASN B 240 3.67 10.90 -9.96
C ASN B 240 3.88 11.62 -11.28
N ASP B 241 3.50 12.88 -11.32
CA ASP B 241 3.51 13.67 -12.55
C ASP B 241 4.83 14.45 -12.63
N VAL B 242 5.89 13.77 -13.05
CA VAL B 242 7.23 14.34 -13.11
C VAL B 242 7.25 15.51 -14.09
N LYS B 243 6.61 15.35 -15.24
CA LYS B 243 6.65 16.43 -16.26
C LYS B 243 5.91 17.65 -15.77
N GLY B 244 4.77 17.44 -15.12
CA GLY B 244 4.01 18.54 -14.53
C GLY B 244 4.82 19.28 -13.47
N TYR B 245 5.49 18.52 -12.62
CA TYR B 245 6.35 19.10 -11.60
C TYR B 245 7.46 19.95 -12.24
N GLU B 246 8.16 19.38 -13.23
CA GLU B 246 9.27 20.10 -13.89
C GLU B 246 8.78 21.39 -14.56
N ALA B 247 7.59 21.33 -15.18
CA ALA B 247 6.99 22.52 -15.80
C ALA B 247 6.72 23.58 -14.73
N LEU B 248 6.18 23.14 -13.59
CA LEU B 248 5.88 24.04 -12.48
C LEU B 248 7.15 24.70 -11.90
N ILE B 249 8.21 23.91 -11.78
CA ILE B 249 9.49 24.46 -11.31
C ILE B 249 10.02 25.53 -12.27
N GLU B 250 9.94 25.25 -13.57
CA GLU B 250 10.45 26.21 -14.56
C GLU B 250 9.66 27.50 -14.56
N GLU B 251 8.34 27.40 -14.52
CA GLU B 251 7.46 28.57 -14.35
C GLU B 251 7.81 29.37 -13.10
N SER B 252 8.00 28.67 -11.99
CA SER B 252 8.19 29.32 -10.69
C SER B 252 9.57 29.96 -10.56
N SER B 253 10.55 29.39 -11.26
CA SER B 253 11.91 29.88 -11.27
C SER B 253 12.08 31.24 -11.92
N LYS B 254 11.20 31.57 -12.85
CA LYS B 254 11.30 32.82 -13.61
C LYS B 254 10.29 33.87 -13.20
N ASP B 255 9.52 33.61 -12.17
CA ASP B 255 8.40 34.46 -11.82
C ASP B 255 8.87 35.55 -10.87
N SER B 256 8.82 36.81 -11.30
CA SER B 256 9.38 37.89 -10.46
C SER B 256 8.56 38.13 -9.19
N LYS B 257 7.26 37.87 -9.22
CA LYS B 257 6.43 38.02 -8.04
C LYS B 257 6.78 36.97 -6.98
N ILE B 258 6.93 35.71 -7.39
CA ILE B 258 7.40 34.69 -6.45
C ILE B 258 8.74 35.11 -5.85
N ASN B 259 9.70 35.53 -6.67
CA ASN B 259 11.01 35.86 -6.15
CA ASN B 259 11.00 35.84 -6.12
C ASN B 259 10.93 37.02 -5.17
N LYS B 260 10.19 38.06 -5.54
CA LYS B 260 9.99 39.21 -4.66
C LYS B 260 9.35 38.82 -3.32
N ASP B 261 8.31 37.99 -3.38
CA ASP B 261 7.58 37.63 -2.16
C ASP B 261 8.40 36.69 -1.27
N TYR B 262 9.16 35.79 -1.90
CA TYR B 262 10.07 34.91 -1.16
C TYR B 262 11.13 35.71 -0.43
N GLU B 263 11.76 36.64 -1.16
CA GLU B 263 12.76 37.53 -0.60
C GLU B 263 12.16 38.33 0.55
N TYR B 264 10.98 38.90 0.35
CA TYR B 264 10.33 39.65 1.43
C TYR B 264 10.09 38.76 2.65
N HIS B 265 9.68 37.52 2.41
CA HIS B 265 9.42 36.61 3.50
C HIS B 265 10.70 36.30 4.23
N MET B 266 11.81 36.08 3.51
CA MET B 266 13.10 35.87 4.20
C MET B 266 13.53 37.05 5.02
N GLU B 267 13.37 38.25 4.49
CA GLU B 267 13.72 39.47 5.20
C GLU B 267 12.99 39.52 6.52
N ASN B 268 11.69 39.20 6.48
CA ASN B 268 10.87 39.22 7.69
C ASN B 268 11.29 38.13 8.69
N LEU B 269 11.57 36.91 8.22
CA LEU B 269 12.09 35.85 9.08
C LEU B 269 13.37 36.30 9.78
N VAL B 270 14.33 36.81 9.01
CA VAL B 270 15.61 37.23 9.55
C VAL B 270 15.43 38.36 10.56
N ASN B 271 14.58 39.33 10.22
CA ASN B 271 14.25 40.42 11.13
C ASN B 271 13.64 39.92 12.43
N ASN B 272 12.89 38.82 12.38
CA ASN B 272 12.25 38.29 13.58
C ASN B 272 13.01 37.19 14.30
N TYR B 273 14.23 36.91 13.88
CA TYR B 273 15.07 35.85 14.44
C TYR B 273 15.00 35.73 15.96
N ASP B 274 15.11 36.84 16.65
CA ASP B 274 15.18 36.83 18.11
C ASP B 274 13.88 36.40 18.77
N ASN B 275 12.79 36.39 18.01
CA ASN B 275 11.49 36.02 18.53
C ASN B 275 11.10 34.55 18.33
N TYR B 276 11.92 33.78 17.62
CA TYR B 276 11.53 32.46 17.23
C TYR B 276 11.98 31.49 18.28
N THR B 277 11.39 30.31 18.23
CA THR B 277 11.53 29.23 19.18
C THR B 277 12.04 27.99 18.47
N ILE B 278 12.34 26.99 19.28
CA ILE B 278 12.59 25.66 18.79
C ILE B 278 11.38 24.83 19.19
N PRO B 279 10.46 24.60 18.26
CA PRO B 279 9.26 23.85 18.67
C PRO B 279 9.56 22.43 19.11
N LEU B 280 9.17 22.15 20.34
CA LEU B 280 9.39 20.89 21.00
C LEU B 280 8.17 20.51 21.85
N VAL B 281 7.97 19.23 22.12
CA VAL B 281 6.76 18.84 22.86
C VAL B 281 6.74 19.35 24.30
N SER B 282 5.55 19.74 24.73
CA SER B 282 5.27 20.26 26.06
C SER B 282 5.37 19.16 27.12
N ASP B 283 5.58 19.56 28.38
CA ASP B 283 5.50 18.63 29.51
C ASP B 283 4.11 18.04 29.78
N ASP B 284 3.10 18.61 29.11
CA ASP B 284 1.71 18.15 29.23
C ASP B 284 1.61 16.67 28.86
N TYR B 285 2.48 16.16 28.01
CA TYR B 285 2.36 14.77 27.58
C TYR B 285 2.83 13.76 28.60
N MET B 286 3.63 14.19 29.58
CA MET B 286 4.20 13.24 30.53
C MET B 286 3.40 13.14 31.83
N LYS B 287 2.41 14.02 32.01
CA LYS B 287 1.62 14.02 33.23
C LYS B 287 0.60 12.87 33.26
N GLN B 288 0.32 12.39 34.46
CA GLN B 288 -0.75 11.44 34.68
C GLN B 288 -2.05 12.21 34.89
N TYR B 289 -3.10 11.72 34.27
CA TYR B 289 -4.40 12.35 34.36
C TYR B 289 -5.39 11.29 34.83
N ASP B 290 -6.55 11.75 35.30
CA ASP B 290 -7.64 10.86 35.69
C ASP B 290 -8.17 10.06 34.49
N ASN B 291 -8.83 8.96 34.79
CA ASN B 291 -9.45 8.13 33.77
C ASN B 291 -10.63 8.84 33.17
N LYS B 292 -10.77 8.63 31.86
CA LYS B 292 -11.90 9.14 31.13
C LYS B 292 -12.28 8.13 30.04
N SER B 293 -13.58 7.84 29.91
CA SER B 293 -14.01 6.80 28.98
C SER B 293 -13.88 7.30 27.56
N LEU B 294 -13.77 6.37 26.62
CA LEU B 294 -13.83 6.67 25.19
C LEU B 294 -15.12 7.35 24.82
N HIS B 295 -16.21 6.93 25.46
CA HIS B 295 -17.51 7.52 25.16
C HIS B 295 -17.56 8.98 25.49
N GLU B 296 -17.03 9.36 26.65
CA GLU B 296 -16.99 10.80 27.03
C GLU B 296 -16.12 11.58 26.05
N ILE B 297 -14.95 11.03 25.75
CA ILE B 297 -14.02 11.65 24.82
C ILE B 297 -14.68 11.89 23.45
N LYS B 298 -15.32 10.85 22.92
CA LYS B 298 -16.03 10.95 21.63
C LYS B 298 -17.09 12.05 21.72
N SER B 299 -17.87 12.08 22.78
CA SER B 299 -18.89 13.13 22.94
C SER B 299 -18.29 14.52 22.93
N ASP B 300 -17.22 14.71 23.70
CA ASP B 300 -16.57 16.00 23.80
C ASP B 300 -16.01 16.45 22.45
N ILE B 301 -15.33 15.55 21.76
CA ILE B 301 -14.79 15.88 20.45
C ILE B 301 -15.89 16.17 19.43
N GLU B 302 -16.94 15.35 19.41
CA GLU B 302 -18.06 15.59 18.51
C GLU B 302 -18.67 16.96 18.72
N LYS B 303 -18.79 17.37 19.97
CA LYS B 303 -19.35 18.69 20.27
C LYS B 303 -18.39 19.80 19.82
N ALA B 304 -17.12 19.69 20.21
CA ALA B 304 -16.13 20.72 19.90
C ALA B 304 -15.95 20.89 18.39
N MET B 305 -16.05 19.80 17.65
CA MET B 305 -15.78 19.83 16.19
C MET B 305 -17.03 19.86 15.33
N ASP B 306 -18.20 19.69 15.94
CA ASP B 306 -19.43 19.68 15.19
C ASP B 306 -19.40 18.53 14.13
N VAL B 307 -19.04 17.34 14.58
CA VAL B 307 -19.11 16.14 13.76
C VAL B 307 -20.00 15.14 14.48
N LYS B 308 -20.55 14.20 13.72
CA LYS B 308 -21.46 13.20 14.28
C LYS B 308 -21.14 11.83 13.73
N ASN B 309 -21.67 10.80 14.38
CA ASN B 309 -21.47 9.41 13.96
C ASN B 309 -20.00 9.04 13.77
N SER B 310 -19.15 9.60 14.63
CA SER B 310 -17.72 9.34 14.55
C SER B 310 -17.45 7.95 15.09
N GLN B 311 -16.28 7.42 14.72
CA GLN B 311 -15.80 6.14 15.25
C GLN B 311 -14.55 6.41 16.09
N ILE B 312 -14.53 5.91 17.32
CA ILE B 312 -13.37 6.09 18.19
C ILE B 312 -12.85 4.70 18.52
N THR B 313 -11.52 4.54 18.48
CA THR B 313 -10.89 3.27 18.74
C THR B 313 -9.70 3.46 19.66
N LYS B 314 -9.48 2.49 20.54
CA LYS B 314 -8.33 2.50 21.44
C LYS B 314 -7.13 1.75 20.80
N GLU B 315 -5.92 2.23 21.08
CA GLU B 315 -4.70 1.51 20.74
C GLU B 315 -3.79 1.50 21.98
N SER B 316 -2.98 0.47 22.10
CA SER B 316 -2.10 0.30 23.24
C SER B 316 -0.65 0.55 22.87
N SER B 317 0.01 1.28 23.76
CA SER B 317 1.44 1.48 23.70
C SER B 317 2.00 0.93 25.00
N GLN B 318 3.31 0.91 25.14
CA GLN B 318 3.89 0.27 26.30
C GLN B 318 3.55 0.98 27.61
N TYR B 319 3.49 2.30 27.55
CA TYR B 319 3.33 3.14 28.75
C TYR B 319 1.93 3.68 28.92
N PHE B 320 1.11 3.57 27.88
CA PHE B 320 -0.20 4.22 27.89
C PHE B 320 -1.08 3.68 26.78
N ASP B 321 -2.38 3.94 26.91
CA ASP B 321 -3.30 3.72 25.82
C ASP B 321 -3.66 5.07 25.20
N THR B 322 -3.98 5.03 23.92
CA THR B 322 -4.35 6.22 23.17
C THR B 322 -5.65 5.91 22.47
N TYR B 323 -6.20 6.92 21.79
CA TYR B 323 -7.34 6.73 20.93
C TYR B 323 -7.13 7.53 19.65
N ASN B 324 -7.81 7.06 18.60
CA ASN B 324 -8.03 7.82 17.38
C ASN B 324 -9.54 7.94 17.19
N LEU B 325 -10.01 9.13 16.88
CA LEU B 325 -11.38 9.33 16.51
C LEU B 325 -11.38 9.74 15.05
N LYS B 326 -12.22 9.07 14.26
CA LYS B 326 -12.34 9.40 12.86
C LYS B 326 -13.75 9.84 12.54
N ALA B 327 -13.88 10.82 11.64
CA ALA B 327 -15.19 11.33 11.31
C ALA B 327 -15.06 12.00 9.97
N THR B 328 -16.17 12.52 9.45
CA THR B 328 -16.11 13.38 8.30
C THR B 328 -16.74 14.71 8.69
N TYR B 329 -16.40 15.74 7.93
CA TYR B 329 -17.02 17.02 8.11
C TYR B 329 -17.37 17.55 6.75
N THR B 330 -18.59 18.04 6.62
CA THR B 330 -19.06 18.60 5.34
C THR B 330 -19.24 20.11 5.41
N LEU B 331 -18.60 20.81 4.47
CA LEU B 331 -18.67 22.26 4.39
C LEU B 331 -20.05 22.69 3.91
N SER B 332 -20.66 23.60 4.65
CA SER B 332 -21.96 24.13 4.26
C SER B 332 -21.79 24.97 2.97
N SER B 333 -20.60 25.52 2.75
CA SER B 333 -20.32 26.37 1.60
C SER B 333 -18.94 26.11 1.01
N ASN B 334 -18.84 25.95 -0.30
CA ASN B 334 -17.54 25.84 -0.97
C ASN B 334 -17.05 27.22 -1.43
N LYS B 335 -15.98 27.70 -0.80
CA LYS B 335 -15.44 29.03 -1.06
C LYS B 335 -14.06 29.01 -1.72
N GLY B 336 -13.71 27.89 -2.32
CA GLY B 336 -12.41 27.74 -2.97
C GLY B 336 -11.37 27.12 -2.05
N GLU B 337 -10.31 26.60 -2.67
CA GLU B 337 -9.33 25.77 -1.94
C GLU B 337 -8.69 26.46 -0.73
N ILE B 338 -8.27 27.72 -0.90
CA ILE B 338 -7.55 28.40 0.17
C ILE B 338 -8.47 28.82 1.31
N SER B 339 -9.64 29.38 0.96
CA SER B 339 -10.62 29.75 1.97
C SER B 339 -11.05 28.54 2.76
N ASN B 340 -11.34 27.45 2.06
CA ASN B 340 -11.77 26.22 2.72
C ASN B 340 -10.66 25.71 3.66
N TRP B 341 -9.41 25.75 3.22
CA TRP B 341 -8.29 25.28 4.03
C TRP B 341 -8.19 26.09 5.28
N ASN B 342 -8.25 27.40 5.15
CA ASN B 342 -8.16 28.28 6.34
C ASN B 342 -9.33 28.10 7.28
N TYR B 343 -10.52 27.89 6.72
CA TYR B 343 -11.72 27.61 7.52
C TYR B 343 -11.52 26.34 8.34
N MET B 344 -11.07 25.28 7.70
CA MET B 344 -10.85 24.01 8.42
C MET B 344 -9.71 24.06 9.44
N ASN B 345 -8.61 24.74 9.08
CA ASN B 345 -7.49 24.85 10.00
C ASN B 345 -7.92 25.65 11.24
N ASN B 346 -8.65 26.73 11.04
CA ASN B 346 -9.13 27.52 12.17
C ASN B 346 -10.14 26.74 13.02
N LYS B 347 -11.04 26.04 12.35
CA LYS B 347 -12.09 25.29 13.04
C LYS B 347 -11.49 24.16 13.90
N ILE B 348 -10.52 23.42 13.33
CA ILE B 348 -9.92 22.30 14.06
C ILE B 348 -9.09 22.84 15.23
N ASN B 349 -8.39 23.97 15.05
CA ASN B 349 -7.69 24.58 16.19
C ASN B 349 -8.68 25.12 17.26
N GLU B 350 -9.81 25.65 16.84
CA GLU B 350 -10.83 26.11 17.78
C GLU B 350 -11.37 24.90 18.57
N ALA B 351 -11.50 23.76 17.91
CA ALA B 351 -11.95 22.53 18.60
C ALA B 351 -10.91 22.10 19.67
N LEU B 352 -9.64 22.07 19.29
CA LEU B 352 -8.59 21.78 20.23
C LEU B 352 -8.60 22.74 21.40
N ASN B 353 -8.79 24.03 21.13
CA ASN B 353 -8.89 25.06 22.22
C ASN B 353 -10.06 24.79 23.17
N LYS B 354 -11.21 24.46 22.62
CA LYS B 354 -12.38 24.15 23.46
C LYS B 354 -12.14 22.93 24.37
N LEU B 355 -11.52 21.91 23.80
CA LEU B 355 -11.19 20.70 24.59
C LEU B 355 -10.15 21.05 25.66
N ASP B 356 -9.15 21.86 25.30
CA ASP B 356 -8.10 22.31 26.24
C ASP B 356 -8.69 23.04 27.45
N ASN B 357 -9.79 23.77 27.25
CA ASN B 357 -10.42 24.56 28.29
C ASN B 357 -11.25 23.75 29.27
N LEU B 358 -11.49 22.48 28.95
CA LEU B 358 -12.19 21.57 29.83
C LEU B 358 -11.23 21.13 30.96
N SER B 359 -11.82 20.54 32.01
CA SER B 359 -11.10 20.24 33.22
C SER B 359 -10.08 19.09 33.01
N TRP B 360 -10.40 18.14 32.14
CA TRP B 360 -9.52 16.97 31.92
C TRP B 360 -8.24 17.33 31.20
N GLY B 361 -7.11 17.16 31.90
CA GLY B 361 -5.81 17.54 31.36
C GLY B 361 -5.39 16.72 30.16
N GLY B 362 -6.00 15.55 30.00
CA GLY B 362 -5.72 14.67 28.87
C GLY B 362 -5.97 15.33 27.54
N TYR B 363 -6.82 16.34 27.51
CA TYR B 363 -7.08 17.05 26.26
C TYR B 363 -5.91 17.87 25.74
N LYS B 364 -4.92 18.12 26.59
CA LYS B 364 -3.74 18.81 26.16
C LYS B 364 -2.78 17.96 25.33
N THR B 365 -3.11 16.68 25.17
CA THR B 365 -2.29 15.77 24.39
C THR B 365 -2.87 15.55 22.99
N VAL B 366 -3.95 16.24 22.65
CA VAL B 366 -4.69 15.92 21.45
C VAL B 366 -4.09 16.61 20.23
N THR B 367 -3.91 15.84 19.16
CA THR B 367 -3.56 16.38 17.86
C THR B 367 -4.71 16.04 16.91
N ALA B 368 -4.85 16.81 15.85
CA ALA B 368 -5.95 16.59 14.93
C ALA B 368 -5.58 17.12 13.55
N TYR B 369 -6.13 16.47 12.53
CA TYR B 369 -6.03 16.96 11.17
C TYR B 369 -7.33 16.75 10.37
N PHE B 370 -7.40 17.45 9.25
CA PHE B 370 -8.41 17.25 8.23
C PHE B 370 -7.64 16.90 6.95
N SER B 371 -8.19 16.05 6.10
CA SER B 371 -7.55 15.74 4.83
C SER B 371 -8.51 15.18 3.82
N ASN B 372 -7.96 14.95 2.62
CA ASN B 372 -8.60 14.28 1.49
C ASN B 372 -9.99 14.83 1.18
N PRO B 373 -10.06 16.15 0.91
CA PRO B 373 -11.33 16.74 0.49
C PRO B 373 -11.84 16.12 -0.82
N ARG B 374 -13.15 15.97 -0.92
CA ARG B 374 -13.80 15.53 -2.14
C ARG B 374 -15.23 16.04 -2.13
N LEU B 375 -15.82 16.10 -3.30
CA LEU B 375 -17.18 16.55 -3.42
C LEU B 375 -18.11 15.34 -3.24
N ASN B 376 -19.17 15.50 -2.43
CA ASN B 376 -20.20 14.47 -2.29
C ASN B 376 -21.22 14.61 -3.42
N SER B 377 -22.31 13.87 -3.28
CA SER B 377 -23.37 13.80 -4.25
C SER B 377 -24.10 15.11 -4.49
N ASN B 378 -24.07 16.00 -3.50
CA ASN B 378 -24.68 17.32 -3.63
C ASN B 378 -23.65 18.39 -3.89
N ASN B 379 -22.47 17.97 -4.31
CA ASN B 379 -21.37 18.86 -4.61
C ASN B 379 -20.97 19.74 -3.42
N GLU B 380 -21.05 19.15 -2.23
CA GLU B 380 -20.52 19.79 -1.02
C GLU B 380 -19.15 19.17 -0.76
N VAL B 381 -18.24 19.97 -0.22
CA VAL B 381 -16.88 19.54 0.09
C VAL B 381 -16.90 18.76 1.42
N VAL B 382 -16.42 17.51 1.37
CA VAL B 382 -16.34 16.62 2.53
C VAL B 382 -14.87 16.36 2.87
N TYR B 383 -14.52 16.51 4.15
CA TYR B 383 -13.19 16.20 4.63
C TYR B 383 -13.21 14.98 5.55
N ASP B 384 -12.13 14.20 5.53
CA ASP B 384 -11.83 13.28 6.65
C ASP B 384 -11.18 14.03 7.79
N ILE B 385 -11.54 13.60 9.01
CA ILE B 385 -11.16 14.28 10.24
C ILE B 385 -10.58 13.19 11.12
N VAL B 386 -9.42 13.46 11.73
CA VAL B 386 -8.84 12.52 12.68
C VAL B 386 -8.34 13.29 13.89
N PHE B 387 -8.71 12.80 15.07
CA PHE B 387 -8.18 13.28 16.34
C PHE B 387 -7.43 12.13 16.99
N HIS B 388 -6.29 12.43 17.61
CA HIS B 388 -5.46 11.47 18.32
C HIS B 388 -5.10 11.98 19.67
N GLY B 389 -5.18 11.14 20.68
CA GLY B 389 -4.86 11.59 22.02
C GLY B 389 -4.54 10.50 23.00
N LEU B 390 -4.01 10.92 24.15
CA LEU B 390 -3.82 10.03 25.30
C LEU B 390 -5.19 9.60 25.84
N LEU B 391 -5.32 8.32 26.18
CA LEU B 391 -6.50 7.79 26.86
C LEU B 391 -6.19 7.61 28.36
N SER B 392 -5.13 6.87 28.64
CA SER B 392 -4.75 6.58 30.02
C SER B 392 -3.27 6.17 30.06
N HIS B 393 -2.54 6.66 31.06
CA HIS B 393 -1.16 6.21 31.36
C HIS B 393 -1.26 4.96 32.18
N ASN B 394 -0.36 4.01 31.93
CA ASN B 394 -0.36 2.74 32.68
C ASN B 394 0.14 2.97 34.11
#